data_263D
# 
_entry.id   263D 
# 
_audit_conform.dict_name       mmcif_pdbx.dic 
_audit_conform.dict_version    5.389 
_audit_conform.dict_location   http://mmcif.pdb.org/dictionaries/ascii/mmcif_pdbx.dic 
# 
loop_
_database_2.database_id 
_database_2.database_code 
_database_2.pdbx_database_accession 
_database_2.pdbx_DOI 
PDB   263D         pdb_0000263d 10.2210/pdb263d/pdb 
RCSB  GDL039       ?            ?                   
WWPDB D_1000177675 ?            ?                   
# 
loop_
_pdbx_audit_revision_history.ordinal 
_pdbx_audit_revision_history.data_content_type 
_pdbx_audit_revision_history.major_revision 
_pdbx_audit_revision_history.minor_revision 
_pdbx_audit_revision_history.revision_date 
1 'Structure model' 1 0 1996-10-15 
2 'Structure model' 1 1 2008-05-22 
3 'Structure model' 1 2 2011-07-13 
4 'Structure model' 1 3 2024-02-14 
5 'Structure model' 1 4 2024-04-03 
# 
_pdbx_audit_revision_details.ordinal             1 
_pdbx_audit_revision_details.revision_ordinal    1 
_pdbx_audit_revision_details.data_content_type   'Structure model' 
_pdbx_audit_revision_details.provider            repository 
_pdbx_audit_revision_details.type                'Initial release' 
_pdbx_audit_revision_details.description         ? 
_pdbx_audit_revision_details.details             ? 
# 
loop_
_pdbx_audit_revision_group.ordinal 
_pdbx_audit_revision_group.revision_ordinal 
_pdbx_audit_revision_group.data_content_type 
_pdbx_audit_revision_group.group 
1 2 'Structure model' 'Version format compliance' 
2 3 'Structure model' 'Version format compliance' 
3 4 'Structure model' 'Data collection'           
4 4 'Structure model' 'Database references'       
5 4 'Structure model' 'Derived calculations'      
6 5 'Structure model' 'Refinement description'    
# 
loop_
_pdbx_audit_revision_category.ordinal 
_pdbx_audit_revision_category.revision_ordinal 
_pdbx_audit_revision_category.data_content_type 
_pdbx_audit_revision_category.category 
1 4 'Structure model' chem_comp_atom                
2 4 'Structure model' chem_comp_bond                
3 4 'Structure model' database_2                    
4 4 'Structure model' struct_site                   
5 5 'Structure model' pdbx_initial_refinement_model 
# 
loop_
_pdbx_audit_revision_item.ordinal 
_pdbx_audit_revision_item.revision_ordinal 
_pdbx_audit_revision_item.data_content_type 
_pdbx_audit_revision_item.item 
1 4 'Structure model' '_database_2.pdbx_DOI'                
2 4 'Structure model' '_database_2.pdbx_database_accession' 
3 4 'Structure model' '_struct_site.pdbx_auth_asym_id'      
4 4 'Structure model' '_struct_site.pdbx_auth_comp_id'      
5 4 'Structure model' '_struct_site.pdbx_auth_seq_id'       
# 
_pdbx_database_status.status_code                     REL 
_pdbx_database_status.entry_id                        263D 
_pdbx_database_status.recvd_initial_deposition_date   1996-09-27 
_pdbx_database_status.deposit_site                    NDB 
_pdbx_database_status.process_site                    NDB 
_pdbx_database_status.status_code_sf                  REL 
_pdbx_database_status.status_code_mr                  ? 
_pdbx_database_status.SG_entry                        ? 
_pdbx_database_status.pdb_format_compatible           Y 
_pdbx_database_status.status_code_cs                  ? 
_pdbx_database_status.status_code_nmr_data            ? 
_pdbx_database_status.methods_development_category    ? 
# 
loop_
_audit_author.name 
_audit_author.pdbx_ordinal 
'Clark, G.R.' 1 
'Gray, E.J.'  2 
'Neidle, S.'  3 
'Li, Y.-H.'   4 
'Leupin, W.'  5 
# 
loop_
_citation.id 
_citation.title 
_citation.journal_abbrev 
_citation.journal_volume 
_citation.page_first 
_citation.page_last 
_citation.year 
_citation.journal_id_ASTM 
_citation.country 
_citation.journal_id_ISSN 
_citation.journal_id_CSD 
_citation.book_publisher 
_citation.pdbx_database_id_PubMed 
_citation.pdbx_database_id_DOI 
primary 
'Isohelicity and phasing in drug--DNA sequence recognition: crystal structure of a tris(benzimidazole)--oligonucleotide complex.' 
Biochemistry         35  13745 13752 1996 BICHAW US 0006-2960 0033 ? 8901516 10.1021/bi960421m 
1       
'Sequence-Dependent Effects in Drug-DNA Interaction: The Crystal Structure of Hoechst 33258 Bound to the d(CGCAAATTTGCG)2 Duplex' 
'Nucleic Acids Res.' 22  1607  1612  1994 NARHAD UK 0305-1048 0389 ? ?       ?                 
2       
;Three-Dimensional Crystal Structure of the A-Tract DNA Dodecamer d(CGCAAATTTGCG) Complexed with the Minor-Groove-Binding Drug Hoechst 33258
;
Eur.J.Biochem.       222 721   726   1994 EJBCAI IX 0014-2956 0262 ? ?       ?                 
# 
loop_
_citation_author.citation_id 
_citation_author.name 
_citation_author.ordinal 
_citation_author.identifier_ORCID 
primary 'Clark, G.R.'         1  ? 
primary 'Gray, E.J.'          2  ? 
primary 'Neidle, S.'          3  ? 
primary 'Li, Y.H.'            4  ? 
primary 'Leupin, W.'          5  ? 
1       'Spink, N.'           6  ? 
1       'Skelly, J.V.'        7  ? 
1       'Neidle, S.'          8  ? 
2       'Vega, M.C.'          9  ? 
2       'Saez, I.G.'          10 ? 
2       'Aymami, J.'          11 ? 
2       'Eritja, R.'          12 ? 
2       'van der Marel, G.A.' 13 ? 
2       'van Boom, J.H.'      14 ? 
2       'Rich, A.'            15 ? 
2       'Coll, M.'            16 ? 
# 
loop_
_entity.id 
_entity.type 
_entity.src_method 
_entity.pdbx_description 
_entity.formula_weight 
_entity.pdbx_number_of_molecules 
_entity.pdbx_ec 
_entity.pdbx_mutation 
_entity.pdbx_fragment 
_entity.details 
1 polymer     syn 
;DNA (5'-D(*CP*GP*CP*AP*AP*AP*TP*TP*TP*GP*CP*G)-3')
;
3662.404 2  ? ? ? ? 
2 non-polymer syn "2''-(4-METHOXYPHENYL)-5-(3-AMINO-1-PYRROLIDINYL)-2,5',2',5''-TRI-BENZIMIDAZOLE" 541.626  1  ? ? ? ? 
3 water       nat water                                                                            18.015   61 ? ? ? ? 
# 
_entity_poly.entity_id                      1 
_entity_poly.type                           polydeoxyribonucleotide 
_entity_poly.nstd_linkage                   no 
_entity_poly.nstd_monomer                   no 
_entity_poly.pdbx_seq_one_letter_code       '(DC)(DG)(DC)(DA)(DA)(DA)(DT)(DT)(DT)(DG)(DC)(DG)' 
_entity_poly.pdbx_seq_one_letter_code_can   CGCAAATTTGCG 
_entity_poly.pdbx_strand_id                 A,B 
_entity_poly.pdbx_target_identifier         ? 
# 
loop_
_pdbx_entity_nonpoly.entity_id 
_pdbx_entity_nonpoly.name 
_pdbx_entity_nonpoly.comp_id 
2 "2''-(4-METHOXYPHENYL)-5-(3-AMINO-1-PYRROLIDINYL)-2,5',2',5''-TRI-BENZIMIDAZOLE" TBZ 
3 water                                                                            HOH 
# 
loop_
_entity_poly_seq.entity_id 
_entity_poly_seq.num 
_entity_poly_seq.mon_id 
_entity_poly_seq.hetero 
1 1  DC n 
1 2  DG n 
1 3  DC n 
1 4  DA n 
1 5  DA n 
1 6  DA n 
1 7  DT n 
1 8  DT n 
1 9  DT n 
1 10 DG n 
1 11 DC n 
1 12 DG n 
# 
loop_
_chem_comp.id 
_chem_comp.type 
_chem_comp.mon_nstd_flag 
_chem_comp.name 
_chem_comp.pdbx_synonyms 
_chem_comp.formula 
_chem_comp.formula_weight 
DA  'DNA linking' y "2'-DEOXYADENOSINE-5'-MONOPHOSPHATE"                                             ? 'C10 H14 N5 O6 P' 331.222 
DC  'DNA linking' y "2'-DEOXYCYTIDINE-5'-MONOPHOSPHATE"                                              ? 'C9 H14 N3 O7 P'  307.197 
DG  'DNA linking' y "2'-DEOXYGUANOSINE-5'-MONOPHOSPHATE"                                             ? 'C10 H14 N5 O7 P' 347.221 
DT  'DNA linking' y "THYMIDINE-5'-MONOPHOSPHATE"                                                     ? 'C10 H15 N2 O8 P' 322.208 
HOH non-polymer   . WATER                                                                            ? 'H2 O'            18.015  
TBZ non-polymer   . "2''-(4-METHOXYPHENYL)-5-(3-AMINO-1-PYRROLIDINYL)-2,5',2',5''-TRI-BENZIMIDAZOLE" 
'TRIBIZ; TRIS(BENZIMIDAZOLE) DERIVATIVE' 'C32 H29 N8 O 1'  541.626 
# 
loop_
_pdbx_poly_seq_scheme.asym_id 
_pdbx_poly_seq_scheme.entity_id 
_pdbx_poly_seq_scheme.seq_id 
_pdbx_poly_seq_scheme.mon_id 
_pdbx_poly_seq_scheme.ndb_seq_num 
_pdbx_poly_seq_scheme.pdb_seq_num 
_pdbx_poly_seq_scheme.auth_seq_num 
_pdbx_poly_seq_scheme.pdb_mon_id 
_pdbx_poly_seq_scheme.auth_mon_id 
_pdbx_poly_seq_scheme.pdb_strand_id 
_pdbx_poly_seq_scheme.pdb_ins_code 
_pdbx_poly_seq_scheme.hetero 
A 1 1  DC 1  1  1  DC C A . n 
A 1 2  DG 2  2  2  DG G A . n 
A 1 3  DC 3  3  3  DC C A . n 
A 1 4  DA 4  4  4  DA A A . n 
A 1 5  DA 5  5  5  DA A A . n 
A 1 6  DA 6  6  6  DA A A . n 
A 1 7  DT 7  7  7  DT T A . n 
A 1 8  DT 8  8  8  DT T A . n 
A 1 9  DT 9  9  9  DT T A . n 
A 1 10 DG 10 10 10 DG G A . n 
A 1 11 DC 11 11 11 DC C A . n 
A 1 12 DG 12 12 12 DG G A . n 
B 1 1  DC 1  13 13 DC C B . n 
B 1 2  DG 2  14 14 DG G B . n 
B 1 3  DC 3  15 15 DC C B . n 
B 1 4  DA 4  16 16 DA A B . n 
B 1 5  DA 5  17 17 DA A B . n 
B 1 6  DA 6  18 18 DA A B . n 
B 1 7  DT 7  19 19 DT T B . n 
B 1 8  DT 8  20 20 DT T B . n 
B 1 9  DT 9  21 21 DT T B . n 
B 1 10 DG 10 22 22 DG G B . n 
B 1 11 DC 11 23 23 DC C B . n 
B 1 12 DG 12 24 24 DG G B . n 
# 
loop_
_pdbx_nonpoly_scheme.asym_id 
_pdbx_nonpoly_scheme.entity_id 
_pdbx_nonpoly_scheme.mon_id 
_pdbx_nonpoly_scheme.ndb_seq_num 
_pdbx_nonpoly_scheme.pdb_seq_num 
_pdbx_nonpoly_scheme.auth_seq_num 
_pdbx_nonpoly_scheme.pdb_mon_id 
_pdbx_nonpoly_scheme.auth_mon_id 
_pdbx_nonpoly_scheme.pdb_strand_id 
_pdbx_nonpoly_scheme.pdb_ins_code 
C 2 TBZ 1  25 25 TBZ TBZ B . 
D 3 HOH 1  28 28 HOH HOH A . 
D 3 HOH 2  29 29 HOH HOH A . 
D 3 HOH 3  31 31 HOH HOH A . 
D 3 HOH 4  32 32 HOH HOH A . 
D 3 HOH 5  33 33 HOH HOH A . 
D 3 HOH 6  34 34 HOH HOH A . 
D 3 HOH 7  35 35 HOH HOH A . 
D 3 HOH 8  36 36 HOH HOH A . 
D 3 HOH 9  37 37 HOH HOH A . 
D 3 HOH 10 38 38 HOH HOH A . 
D 3 HOH 11 39 39 HOH HOH A . 
D 3 HOH 12 40 40 HOH HOH A . 
D 3 HOH 13 41 41 HOH HOH A . 
D 3 HOH 14 42 42 HOH HOH A . 
D 3 HOH 15 43 43 HOH HOH A . 
D 3 HOH 16 45 45 HOH HOH A . 
D 3 HOH 17 47 47 HOH HOH A . 
D 3 HOH 18 51 51 HOH HOH A . 
D 3 HOH 19 53 53 HOH HOH A . 
D 3 HOH 20 54 54 HOH HOH A . 
D 3 HOH 21 57 57 HOH HOH A . 
D 3 HOH 22 58 58 HOH HOH A . 
D 3 HOH 23 59 59 HOH HOH A . 
D 3 HOH 24 60 60 HOH HOH A . 
D 3 HOH 25 64 64 HOH HOH A . 
D 3 HOH 26 66 66 HOH HOH A . 
D 3 HOH 27 67 67 HOH HOH A . 
D 3 HOH 28 69 69 HOH HOH A . 
D 3 HOH 29 70 70 HOH HOH A . 
D 3 HOH 30 73 73 HOH HOH A . 
D 3 HOH 31 74 74 HOH HOH A . 
D 3 HOH 32 75 75 HOH HOH A . 
D 3 HOH 33 77 77 HOH HOH A . 
D 3 HOH 34 79 79 HOH HOH A . 
D 3 HOH 35 83 83 HOH HOH A . 
D 3 HOH 36 84 84 HOH HOH A . 
E 3 HOH 1  26 26 HOH HOH B . 
E 3 HOH 2  27 27 HOH HOH B . 
E 3 HOH 3  30 30 HOH HOH B . 
E 3 HOH 4  44 44 HOH HOH B . 
E 3 HOH 5  46 46 HOH HOH B . 
E 3 HOH 6  48 48 HOH HOH B . 
E 3 HOH 7  49 49 HOH HOH B . 
E 3 HOH 8  50 50 HOH HOH B . 
E 3 HOH 9  52 52 HOH HOH B . 
E 3 HOH 10 55 55 HOH HOH B . 
E 3 HOH 11 56 56 HOH HOH B . 
E 3 HOH 12 61 61 HOH HOH B . 
E 3 HOH 13 62 62 HOH HOH B . 
E 3 HOH 14 63 63 HOH HOH B . 
E 3 HOH 15 65 65 HOH HOH B . 
E 3 HOH 16 68 68 HOH HOH B . 
E 3 HOH 17 71 71 HOH HOH B . 
E 3 HOH 18 72 72 HOH HOH B . 
E 3 HOH 19 76 76 HOH HOH B . 
E 3 HOH 20 78 78 HOH HOH B . 
E 3 HOH 21 80 80 HOH HOH B . 
E 3 HOH 22 81 81 HOH HOH B . 
E 3 HOH 23 82 82 HOH HOH B . 
E 3 HOH 24 85 85 HOH HOH B . 
E 3 HOH 25 86 86 HOH HOH B . 
# 
loop_
_software.name 
_software.classification 
_software.version 
_software.citation_id 
_software.pdbx_ordinal 
X-PLOR refinement       . ? 1 
XENGEN 'data reduction' . ? 2 
# 
_cell.entry_id           263D 
_cell.length_a           24.700 
_cell.length_b           40.820 
_cell.length_c           64.900 
_cell.angle_alpha        90.00 
_cell.angle_beta         90.00 
_cell.angle_gamma        90.00 
_cell.Z_PDB              8 
_cell.pdbx_unique_axis   ? 
# 
_symmetry.entry_id                         263D 
_symmetry.space_group_name_H-M             'P 21 21 21' 
_symmetry.pdbx_full_space_group_name_H-M   ? 
_symmetry.cell_setting                     ? 
_symmetry.Int_Tables_number                19 
# 
_exptl.entry_id          263D 
_exptl.method            'X-RAY DIFFRACTION' 
_exptl.crystals_number   1 
# 
_exptl_crystal.id                    1 
_exptl_crystal.density_meas          ? 
_exptl_crystal.density_Matthews      2.23 
_exptl_crystal.density_percent_sol   44.93 
_exptl_crystal.description           ? 
# 
_exptl_crystal_grow.crystal_id      1 
_exptl_crystal_grow.method          'VAPOR DIFFUSION, HANGING DROP' 
_exptl_crystal_grow.temp            286.00 
_exptl_crystal_grow.temp_details    ? 
_exptl_crystal_grow.pH              7.00 
_exptl_crystal_grow.pdbx_details    'pH 7.00, VAPOR DIFFUSION, HANGING DROP, temperature 286.00K' 
_exptl_crystal_grow.pdbx_pH_range   ? 
# 
loop_
_exptl_crystal_grow_comp.crystal_id 
_exptl_crystal_grow_comp.id 
_exptl_crystal_grow_comp.sol_id 
_exptl_crystal_grow_comp.name 
_exptl_crystal_grow_comp.volume 
_exptl_crystal_grow_comp.conc 
_exptl_crystal_grow_comp.details 
1 1 1 WATER           ? ? ? 
1 2 1 MPD             ? ? ? 
1 3 1 MGCL2           ? ? ? 
1 4 1 SPERMINE        ? ? ? 
1 5 1 'NA CACODYLATE' ? ? ? 
1 6 2 WATER           ? ? ? 
1 7 2 MPD             ? ? ? 
# 
_diffrn.id                     1 
_diffrn.ambient_temp           287.00 
_diffrn.ambient_temp_details   ? 
_diffrn.crystal_id             1 
# 
_diffrn_detector.diffrn_id              1 
_diffrn_detector.detector               'AREA DETECTOR' 
_diffrn_detector.type                   XENTRONICS 
_diffrn_detector.pdbx_collection_date   1996-05-15 
_diffrn_detector.details                ? 
# 
_diffrn_radiation.diffrn_id                        1 
_diffrn_radiation.wavelength_id                    1 
_diffrn_radiation.pdbx_monochromatic_or_laue_m_l   M 
_diffrn_radiation.monochromator                    GRAPHITE 
_diffrn_radiation.pdbx_diffrn_protocol             ? 
_diffrn_radiation.pdbx_scattering_type             x-ray 
# 
_diffrn_radiation_wavelength.id           1 
_diffrn_radiation_wavelength.wavelength   1.5418 
_diffrn_radiation_wavelength.wt           1.0 
# 
_diffrn_source.diffrn_id                   1 
_diffrn_source.source                      'ROTATING ANODE' 
_diffrn_source.type                        ? 
_diffrn_source.pdbx_synchrotron_site       ? 
_diffrn_source.pdbx_synchrotron_beamline   ? 
_diffrn_source.pdbx_wavelength             1.5418 
_diffrn_source.pdbx_wavelength_list        ? 
# 
_reflns.entry_id                     263D 
_reflns.observed_criterion_sigma_I   2.000 
_reflns.observed_criterion_sigma_F   ? 
_reflns.d_resolution_low             8.000 
_reflns.d_resolution_high            2.200 
_reflns.number_obs                   3594 
_reflns.number_all                   ? 
_reflns.percent_possible_obs         92.000 
_reflns.pdbx_Rmerge_I_obs            0.0830000 
_reflns.pdbx_Rsym_value              ? 
_reflns.pdbx_netI_over_sigmaI        ? 
_reflns.B_iso_Wilson_estimate        ? 
_reflns.pdbx_redundancy              ? 
_reflns.pdbx_diffrn_id               1 
_reflns.pdbx_ordinal                 1 
# 
_reflns_shell.d_res_high             2.200 
_reflns_shell.d_res_low              2.350 
_reflns_shell.percent_possible_all   57.00 
_reflns_shell.Rmerge_I_obs           ? 
_reflns_shell.pdbx_Rsym_value        ? 
_reflns_shell.meanI_over_sigI_obs    ? 
_reflns_shell.pdbx_redundancy        ? 
_reflns_shell.pdbx_diffrn_id         ? 
_reflns_shell.pdbx_ordinal           1 
# 
_refine.entry_id                                 263D 
_refine.ls_number_reflns_obs                     2534 
_refine.ls_number_reflns_all                     ? 
_refine.pdbx_ls_sigma_I                          ? 
_refine.pdbx_ls_sigma_F                          2.000 
_refine.pdbx_data_cutoff_high_absF               ? 
_refine.pdbx_data_cutoff_low_absF                ? 
_refine.pdbx_data_cutoff_high_rms_absF           ? 
_refine.ls_d_res_low                             8.000 
_refine.ls_d_res_high                            2.200 
_refine.ls_percent_reflns_obs                    92.300 
_refine.ls_R_factor_obs                          0.1740000 
_refine.ls_R_factor_all                          ? 
_refine.ls_R_factor_R_work                       0.1740000 
_refine.ls_R_factor_R_free                       ? 
_refine.ls_R_factor_R_free_error                 ? 
_refine.ls_R_factor_R_free_error_details         ? 
_refine.ls_percent_reflns_R_free                 ? 
_refine.ls_number_reflns_R_free                  ? 
_refine.ls_number_parameters                     ? 
_refine.ls_number_restraints                     ? 
_refine.occupancy_min                            ? 
_refine.occupancy_max                            ? 
_refine.B_iso_mean                               24.00 
_refine.aniso_B[1][1]                            ? 
_refine.aniso_B[2][2]                            ? 
_refine.aniso_B[3][3]                            ? 
_refine.aniso_B[1][2]                            ? 
_refine.aniso_B[1][3]                            ? 
_refine.aniso_B[2][3]                            ? 
_refine.solvent_model_details                    ? 
_refine.solvent_model_param_ksol                 ? 
_refine.solvent_model_param_bsol                 ? 
_refine.pdbx_ls_cross_valid_method               ? 
_refine.details                                  ? 
_refine.pdbx_starting_model                      GDL023 
_refine.pdbx_method_to_determine_struct          'MOLECULAR REPLACEMENT' 
_refine.pdbx_isotropic_thermal_model             ? 
_refine.pdbx_stereochemistry_target_values       ? 
_refine.pdbx_stereochem_target_val_spec_case     ? 
_refine.pdbx_R_Free_selection_details            ? 
_refine.pdbx_overall_ESU_R                       ? 
_refine.pdbx_overall_ESU_R_Free                  ? 
_refine.overall_SU_ML                            ? 
_refine.overall_SU_B                             ? 
_refine.pdbx_refine_id                           'X-RAY DIFFRACTION' 
_refine.pdbx_diffrn_id                           1 
_refine.pdbx_TLS_residual_ADP_flag               ? 
_refine.correlation_coeff_Fo_to_Fc               ? 
_refine.correlation_coeff_Fo_to_Fc_free          ? 
_refine.pdbx_solvent_vdw_probe_radii             ? 
_refine.pdbx_solvent_ion_probe_radii             ? 
_refine.pdbx_solvent_shrinkage_radii             ? 
_refine.pdbx_overall_phase_error                 ? 
_refine.overall_SU_R_Cruickshank_DPI             ? 
_refine.pdbx_overall_SU_R_free_Cruickshank_DPI   ? 
_refine.pdbx_overall_SU_R_Blow_DPI               ? 
_refine.pdbx_overall_SU_R_free_Blow_DPI          ? 
# 
_refine_hist.pdbx_refine_id                   'X-RAY DIFFRACTION' 
_refine_hist.cycle_id                         LAST 
_refine_hist.pdbx_number_atoms_protein        0 
_refine_hist.pdbx_number_atoms_nucleic_acid   486 
_refine_hist.pdbx_number_atoms_ligand         41 
_refine_hist.number_atoms_solvent             61 
_refine_hist.number_atoms_total               588 
_refine_hist.d_res_high                       2.200 
_refine_hist.d_res_low                        8.000 
# 
loop_
_refine_ls_restr.type 
_refine_ls_restr.dev_ideal 
_refine_ls_restr.dev_ideal_target 
_refine_ls_restr.weight 
_refine_ls_restr.number 
_refine_ls_restr.pdbx_refine_id 
_refine_ls_restr.pdbx_restraint_function 
x_bond_d                0.013 ? ? ? 'X-RAY DIFFRACTION' ? 
x_bond_d_na             ?     ? ? ? 'X-RAY DIFFRACTION' ? 
x_bond_d_prot           ?     ? ? ? 'X-RAY DIFFRACTION' ? 
x_angle_d               ?     ? ? ? 'X-RAY DIFFRACTION' ? 
x_angle_d_na            ?     ? ? ? 'X-RAY DIFFRACTION' ? 
x_angle_d_prot          ?     ? ? ? 'X-RAY DIFFRACTION' ? 
x_angle_deg             2.03  ? ? ? 'X-RAY DIFFRACTION' ? 
x_angle_deg_na          ?     ? ? ? 'X-RAY DIFFRACTION' ? 
x_angle_deg_prot        ?     ? ? ? 'X-RAY DIFFRACTION' ? 
x_dihedral_angle_d      ?     ? ? ? 'X-RAY DIFFRACTION' ? 
x_dihedral_angle_d_na   ?     ? ? ? 'X-RAY DIFFRACTION' ? 
x_dihedral_angle_d_prot ?     ? ? ? 'X-RAY DIFFRACTION' ? 
x_improper_angle_d      ?     ? ? ? 'X-RAY DIFFRACTION' ? 
x_improper_angle_d_na   ?     ? ? ? 'X-RAY DIFFRACTION' ? 
x_improper_angle_d_prot ?     ? ? ? 'X-RAY DIFFRACTION' ? 
x_mcbond_it             ?     ? ? ? 'X-RAY DIFFRACTION' ? 
x_mcangle_it            ?     ? ? ? 'X-RAY DIFFRACTION' ? 
x_scbond_it             ?     ? ? ? 'X-RAY DIFFRACTION' ? 
x_scangle_it            ?     ? ? ? 'X-RAY DIFFRACTION' ? 
# 
_struct.entry_id                  263D 
_struct.title                     
'ISOHELICITY AND PHASING IN DRUG-DNA SEQUENCE RECOGNITION: CRYSTAL STRUCTURE OF A TRIS(BENZIMIDAZOLE)-OLIGONUCLEOTIDE COMPLEX' 
_struct.pdbx_model_details        ? 
_struct.pdbx_CASP_flag            ? 
_struct.pdbx_model_type_details   ? 
# 
_struct_keywords.entry_id        263D 
_struct_keywords.pdbx_keywords   DNA 
_struct_keywords.text            'B-DNA, DOUBLE HELIX, COMPLEXED WITH DRUG, DNA' 
# 
loop_
_struct_asym.id 
_struct_asym.pdbx_blank_PDB_chainid_flag 
_struct_asym.pdbx_modified 
_struct_asym.entity_id 
_struct_asym.details 
A N N 1 ? 
B N N 1 ? 
C N N 2 ? 
D N N 3 ? 
E N N 3 ? 
# 
_struct_ref.id                         1 
_struct_ref.entity_id                  1 
_struct_ref.db_name                    PDB 
_struct_ref.db_code                    263D 
_struct_ref.pdbx_db_accession          263D 
_struct_ref.pdbx_db_isoform            ? 
_struct_ref.pdbx_seq_one_letter_code   ? 
_struct_ref.pdbx_align_begin           ? 
# 
loop_
_struct_ref_seq.align_id 
_struct_ref_seq.ref_id 
_struct_ref_seq.pdbx_PDB_id_code 
_struct_ref_seq.pdbx_strand_id 
_struct_ref_seq.seq_align_beg 
_struct_ref_seq.pdbx_seq_align_beg_ins_code 
_struct_ref_seq.seq_align_end 
_struct_ref_seq.pdbx_seq_align_end_ins_code 
_struct_ref_seq.pdbx_db_accession 
_struct_ref_seq.db_align_beg 
_struct_ref_seq.pdbx_db_align_beg_ins_code 
_struct_ref_seq.db_align_end 
_struct_ref_seq.pdbx_db_align_end_ins_code 
_struct_ref_seq.pdbx_auth_seq_align_beg 
_struct_ref_seq.pdbx_auth_seq_align_end 
1 1 263D A 1 ? 12 ? 263D 1  ? 12 ? 1  12 
2 1 263D B 1 ? 12 ? 263D 13 ? 24 ? 13 24 
# 
_pdbx_struct_assembly.id                   1 
_pdbx_struct_assembly.details              author_defined_assembly 
_pdbx_struct_assembly.method_details       ? 
_pdbx_struct_assembly.oligomeric_details   dimeric 
_pdbx_struct_assembly.oligomeric_count     2 
# 
_pdbx_struct_assembly_gen.assembly_id       1 
_pdbx_struct_assembly_gen.oper_expression   1 
_pdbx_struct_assembly_gen.asym_id_list      A,B,C,D,E 
# 
_pdbx_struct_oper_list.id                   1 
_pdbx_struct_oper_list.type                 'identity operation' 
_pdbx_struct_oper_list.name                 1_555 
_pdbx_struct_oper_list.symmetry_operation   x,y,z 
_pdbx_struct_oper_list.matrix[1][1]         1.0000000000 
_pdbx_struct_oper_list.matrix[1][2]         0.0000000000 
_pdbx_struct_oper_list.matrix[1][3]         0.0000000000 
_pdbx_struct_oper_list.vector[1]            0.0000000000 
_pdbx_struct_oper_list.matrix[2][1]         0.0000000000 
_pdbx_struct_oper_list.matrix[2][2]         1.0000000000 
_pdbx_struct_oper_list.matrix[2][3]         0.0000000000 
_pdbx_struct_oper_list.vector[2]            0.0000000000 
_pdbx_struct_oper_list.matrix[3][1]         0.0000000000 
_pdbx_struct_oper_list.matrix[3][2]         0.0000000000 
_pdbx_struct_oper_list.matrix[3][3]         1.0000000000 
_pdbx_struct_oper_list.vector[3]            0.0000000000 
# 
_struct_biol.id   1 
# 
loop_
_struct_conn.id 
_struct_conn.conn_type_id 
_struct_conn.pdbx_leaving_atom_flag 
_struct_conn.pdbx_PDB_id 
_struct_conn.ptnr1_label_asym_id 
_struct_conn.ptnr1_label_comp_id 
_struct_conn.ptnr1_label_seq_id 
_struct_conn.ptnr1_label_atom_id 
_struct_conn.pdbx_ptnr1_label_alt_id 
_struct_conn.pdbx_ptnr1_PDB_ins_code 
_struct_conn.pdbx_ptnr1_standard_comp_id 
_struct_conn.ptnr1_symmetry 
_struct_conn.ptnr2_label_asym_id 
_struct_conn.ptnr2_label_comp_id 
_struct_conn.ptnr2_label_seq_id 
_struct_conn.ptnr2_label_atom_id 
_struct_conn.pdbx_ptnr2_label_alt_id 
_struct_conn.pdbx_ptnr2_PDB_ins_code 
_struct_conn.ptnr1_auth_asym_id 
_struct_conn.ptnr1_auth_comp_id 
_struct_conn.ptnr1_auth_seq_id 
_struct_conn.ptnr2_auth_asym_id 
_struct_conn.ptnr2_auth_comp_id 
_struct_conn.ptnr2_auth_seq_id 
_struct_conn.ptnr2_symmetry 
_struct_conn.pdbx_ptnr3_label_atom_id 
_struct_conn.pdbx_ptnr3_label_seq_id 
_struct_conn.pdbx_ptnr3_label_comp_id 
_struct_conn.pdbx_ptnr3_label_asym_id 
_struct_conn.pdbx_ptnr3_label_alt_id 
_struct_conn.pdbx_ptnr3_PDB_ins_code 
_struct_conn.details 
_struct_conn.pdbx_dist_value 
_struct_conn.pdbx_value_order 
_struct_conn.pdbx_role 
hydrog1  hydrog ? ? A DC 1  N3 ? ? ? 1_555 B DG 12 N1 ? ? A DC 1  B DG 24 1_555 ? ? ? ? ? ? WATSON-CRICK ? ? ? 
hydrog2  hydrog ? ? A DC 1  N4 ? ? ? 1_555 B DG 12 O6 ? ? A DC 1  B DG 24 1_555 ? ? ? ? ? ? WATSON-CRICK ? ? ? 
hydrog3  hydrog ? ? A DC 1  O2 ? ? ? 1_555 B DG 12 N2 ? ? A DC 1  B DG 24 1_555 ? ? ? ? ? ? WATSON-CRICK ? ? ? 
hydrog4  hydrog ? ? A DG 2  N1 ? ? ? 1_555 B DC 11 N3 ? ? A DG 2  B DC 23 1_555 ? ? ? ? ? ? WATSON-CRICK ? ? ? 
hydrog5  hydrog ? ? A DG 2  N2 ? ? ? 1_555 B DC 11 O2 ? ? A DG 2  B DC 23 1_555 ? ? ? ? ? ? WATSON-CRICK ? ? ? 
hydrog6  hydrog ? ? A DG 2  O6 ? ? ? 1_555 B DC 11 N4 ? ? A DG 2  B DC 23 1_555 ? ? ? ? ? ? WATSON-CRICK ? ? ? 
hydrog7  hydrog ? ? A DC 3  N3 ? ? ? 1_555 B DG 10 N1 ? ? A DC 3  B DG 22 1_555 ? ? ? ? ? ? WATSON-CRICK ? ? ? 
hydrog8  hydrog ? ? A DC 3  N4 ? ? ? 1_555 B DG 10 O6 ? ? A DC 3  B DG 22 1_555 ? ? ? ? ? ? WATSON-CRICK ? ? ? 
hydrog9  hydrog ? ? A DC 3  O2 ? ? ? 1_555 B DG 10 N2 ? ? A DC 3  B DG 22 1_555 ? ? ? ? ? ? WATSON-CRICK ? ? ? 
hydrog10 hydrog ? ? A DA 4  N1 ? ? ? 1_555 B DT 9  N3 ? ? A DA 4  B DT 21 1_555 ? ? ? ? ? ? WATSON-CRICK ? ? ? 
hydrog11 hydrog ? ? A DA 4  N6 ? ? ? 1_555 B DT 9  O4 ? ? A DA 4  B DT 21 1_555 ? ? ? ? ? ? WATSON-CRICK ? ? ? 
hydrog12 hydrog ? ? A DA 5  N1 ? ? ? 1_555 B DT 8  N3 ? ? A DA 5  B DT 20 1_555 ? ? ? ? ? ? WATSON-CRICK ? ? ? 
hydrog13 hydrog ? ? A DA 5  N6 ? ? ? 1_555 B DT 8  O4 ? ? A DA 5  B DT 20 1_555 ? ? ? ? ? ? WATSON-CRICK ? ? ? 
hydrog14 hydrog ? ? A DA 6  N1 ? ? ? 1_555 B DT 7  N3 ? ? A DA 6  B DT 19 1_555 ? ? ? ? ? ? WATSON-CRICK ? ? ? 
hydrog15 hydrog ? ? A DA 6  N6 ? ? ? 1_555 B DT 7  O4 ? ? A DA 6  B DT 19 1_555 ? ? ? ? ? ? WATSON-CRICK ? ? ? 
hydrog16 hydrog ? ? A DT 7  N3 ? ? ? 1_555 B DA 6  N1 ? ? A DT 7  B DA 18 1_555 ? ? ? ? ? ? WATSON-CRICK ? ? ? 
hydrog17 hydrog ? ? A DT 7  O4 ? ? ? 1_555 B DA 6  N6 ? ? A DT 7  B DA 18 1_555 ? ? ? ? ? ? WATSON-CRICK ? ? ? 
hydrog18 hydrog ? ? A DT 8  N3 ? ? ? 1_555 B DA 5  N1 ? ? A DT 8  B DA 17 1_555 ? ? ? ? ? ? WATSON-CRICK ? ? ? 
hydrog19 hydrog ? ? A DT 8  O4 ? ? ? 1_555 B DA 5  N6 ? ? A DT 8  B DA 17 1_555 ? ? ? ? ? ? WATSON-CRICK ? ? ? 
hydrog20 hydrog ? ? A DT 9  N3 ? ? ? 1_555 B DA 4  N1 ? ? A DT 9  B DA 16 1_555 ? ? ? ? ? ? WATSON-CRICK ? ? ? 
hydrog21 hydrog ? ? A DT 9  O4 ? ? ? 1_555 B DA 4  N6 ? ? A DT 9  B DA 16 1_555 ? ? ? ? ? ? WATSON-CRICK ? ? ? 
hydrog22 hydrog ? ? A DG 10 N1 ? ? ? 1_555 B DC 3  N3 ? ? A DG 10 B DC 15 1_555 ? ? ? ? ? ? WATSON-CRICK ? ? ? 
hydrog23 hydrog ? ? A DG 10 N2 ? ? ? 1_555 B DC 3  O2 ? ? A DG 10 B DC 15 1_555 ? ? ? ? ? ? WATSON-CRICK ? ? ? 
hydrog24 hydrog ? ? A DG 10 O6 ? ? ? 1_555 B DC 3  N4 ? ? A DG 10 B DC 15 1_555 ? ? ? ? ? ? WATSON-CRICK ? ? ? 
hydrog25 hydrog ? ? A DC 11 N3 ? ? ? 1_555 B DG 2  N1 ? ? A DC 11 B DG 14 1_555 ? ? ? ? ? ? WATSON-CRICK ? ? ? 
hydrog26 hydrog ? ? A DC 11 N4 ? ? ? 1_555 B DG 2  O6 ? ? A DC 11 B DG 14 1_555 ? ? ? ? ? ? WATSON-CRICK ? ? ? 
hydrog27 hydrog ? ? A DC 11 O2 ? ? ? 1_555 B DG 2  N2 ? ? A DC 11 B DG 14 1_555 ? ? ? ? ? ? WATSON-CRICK ? ? ? 
hydrog28 hydrog ? ? A DG 12 N1 ? ? ? 1_555 B DC 1  N3 ? ? A DG 12 B DC 13 1_555 ? ? ? ? ? ? WATSON-CRICK ? ? ? 
hydrog29 hydrog ? ? A DG 12 N2 ? ? ? 1_555 B DC 1  O2 ? ? A DG 12 B DC 13 1_555 ? ? ? ? ? ? WATSON-CRICK ? ? ? 
hydrog30 hydrog ? ? A DG 12 O6 ? ? ? 1_555 B DC 1  N4 ? ? A DG 12 B DC 13 1_555 ? ? ? ? ? ? WATSON-CRICK ? ? ? 
# 
_struct_conn_type.id          hydrog 
_struct_conn_type.criteria    ? 
_struct_conn_type.reference   ? 
# 
loop_
_struct_site.id 
_struct_site.pdbx_evidence_code 
_struct_site.pdbx_auth_asym_id 
_struct_site.pdbx_auth_comp_id 
_struct_site.pdbx_auth_seq_id 
_struct_site.pdbx_auth_ins_code 
_struct_site.pdbx_num_residues 
_struct_site.details 
AC1 Software B TBZ 25 ? 14 'BINDING SITE FOR RESIDUE TBZ B 25' 
1   ?        ? ?   ?  ? ?  ?                                   
# 
loop_
_struct_site_gen.id 
_struct_site_gen.site_id 
_struct_site_gen.pdbx_num_res 
_struct_site_gen.label_comp_id 
_struct_site_gen.label_asym_id 
_struct_site_gen.label_seq_id 
_struct_site_gen.pdbx_auth_ins_code 
_struct_site_gen.auth_comp_id 
_struct_site_gen.auth_asym_id 
_struct_site_gen.auth_seq_id 
_struct_site_gen.label_atom_id 
_struct_site_gen.label_alt_id 
_struct_site_gen.symmetry 
_struct_site_gen.details 
1  AC1 14 DA  A 6  ? DA  A 6  . ? 1_555 ? 
2  AC1 14 DT  A 7  ? DT  A 7  . ? 1_555 ? 
3  AC1 14 DT  A 8  ? DT  A 8  . ? 1_555 ? 
4  AC1 14 DT  A 9  ? DT  A 9  . ? 1_555 ? 
5  AC1 14 DG  A 10 ? DG  A 10 . ? 1_555 ? 
6  AC1 14 DC  A 11 ? DC  A 11 . ? 1_555 ? 
7  AC1 14 HOH D .  ? HOH A 37 . ? 2_665 ? 
8  AC1 14 DA  B 5  ? DA  B 17 . ? 1_555 ? 
9  AC1 14 DA  B 6  ? DA  B 18 . ? 1_555 ? 
10 AC1 14 DT  B 7  ? DT  B 19 . ? 1_555 ? 
11 AC1 14 DT  B 8  ? DT  B 20 . ? 1_555 ? 
12 AC1 14 DT  B 9  ? DT  B 21 . ? 1_555 ? 
13 AC1 14 DG  B 10 ? DG  B 22 . ? 1_555 ? 
14 AC1 14 HOH E .  ? HOH B 63 . ? 1_555 ? 
# 
_pdbx_validate_planes.id              1 
_pdbx_validate_planes.PDB_model_num   1 
_pdbx_validate_planes.auth_comp_id    DG 
_pdbx_validate_planes.auth_asym_id    A 
_pdbx_validate_planes.auth_seq_id     10 
_pdbx_validate_planes.PDB_ins_code    ? 
_pdbx_validate_planes.label_alt_id    ? 
_pdbx_validate_planes.rmsd            0.070 
_pdbx_validate_planes.type            'SIDE CHAIN' 
# 
_struct_site_keywords.site_id   1 
_struct_site_keywords.text      'MINOR GROOVE BINDER' 
# 
_refine_B_iso.class            'ALL ATOMS' 
_refine_B_iso.details          TR 
_refine_B_iso.treatment        isotropic 
_refine_B_iso.pdbx_refine_id   'X-RAY DIFFRACTION' 
# 
_refine_occupancy.class            'ALL ATOMS' 
_refine_occupancy.treatment        fix 
_refine_occupancy.pdbx_refine_id   'X-RAY DIFFRACTION' 
# 
loop_
_chem_comp_atom.comp_id 
_chem_comp_atom.atom_id 
_chem_comp_atom.type_symbol 
_chem_comp_atom.pdbx_aromatic_flag 
_chem_comp_atom.pdbx_stereo_config 
_chem_comp_atom.pdbx_ordinal 
DA  OP3    O N N 1   
DA  P      P N N 2   
DA  OP1    O N N 3   
DA  OP2    O N N 4   
DA  "O5'"  O N N 5   
DA  "C5'"  C N N 6   
DA  "C4'"  C N R 7   
DA  "O4'"  O N N 8   
DA  "C3'"  C N S 9   
DA  "O3'"  O N N 10  
DA  "C2'"  C N N 11  
DA  "C1'"  C N R 12  
DA  N9     N Y N 13  
DA  C8     C Y N 14  
DA  N7     N Y N 15  
DA  C5     C Y N 16  
DA  C6     C Y N 17  
DA  N6     N N N 18  
DA  N1     N Y N 19  
DA  C2     C Y N 20  
DA  N3     N Y N 21  
DA  C4     C Y N 22  
DA  HOP3   H N N 23  
DA  HOP2   H N N 24  
DA  "H5'"  H N N 25  
DA  "H5''" H N N 26  
DA  "H4'"  H N N 27  
DA  "H3'"  H N N 28  
DA  "HO3'" H N N 29  
DA  "H2'"  H N N 30  
DA  "H2''" H N N 31  
DA  "H1'"  H N N 32  
DA  H8     H N N 33  
DA  H61    H N N 34  
DA  H62    H N N 35  
DA  H2     H N N 36  
DC  OP3    O N N 37  
DC  P      P N N 38  
DC  OP1    O N N 39  
DC  OP2    O N N 40  
DC  "O5'"  O N N 41  
DC  "C5'"  C N N 42  
DC  "C4'"  C N R 43  
DC  "O4'"  O N N 44  
DC  "C3'"  C N S 45  
DC  "O3'"  O N N 46  
DC  "C2'"  C N N 47  
DC  "C1'"  C N R 48  
DC  N1     N N N 49  
DC  C2     C N N 50  
DC  O2     O N N 51  
DC  N3     N N N 52  
DC  C4     C N N 53  
DC  N4     N N N 54  
DC  C5     C N N 55  
DC  C6     C N N 56  
DC  HOP3   H N N 57  
DC  HOP2   H N N 58  
DC  "H5'"  H N N 59  
DC  "H5''" H N N 60  
DC  "H4'"  H N N 61  
DC  "H3'"  H N N 62  
DC  "HO3'" H N N 63  
DC  "H2'"  H N N 64  
DC  "H2''" H N N 65  
DC  "H1'"  H N N 66  
DC  H41    H N N 67  
DC  H42    H N N 68  
DC  H5     H N N 69  
DC  H6     H N N 70  
DG  OP3    O N N 71  
DG  P      P N N 72  
DG  OP1    O N N 73  
DG  OP2    O N N 74  
DG  "O5'"  O N N 75  
DG  "C5'"  C N N 76  
DG  "C4'"  C N R 77  
DG  "O4'"  O N N 78  
DG  "C3'"  C N S 79  
DG  "O3'"  O N N 80  
DG  "C2'"  C N N 81  
DG  "C1'"  C N R 82  
DG  N9     N Y N 83  
DG  C8     C Y N 84  
DG  N7     N Y N 85  
DG  C5     C Y N 86  
DG  C6     C N N 87  
DG  O6     O N N 88  
DG  N1     N N N 89  
DG  C2     C N N 90  
DG  N2     N N N 91  
DG  N3     N N N 92  
DG  C4     C Y N 93  
DG  HOP3   H N N 94  
DG  HOP2   H N N 95  
DG  "H5'"  H N N 96  
DG  "H5''" H N N 97  
DG  "H4'"  H N N 98  
DG  "H3'"  H N N 99  
DG  "HO3'" H N N 100 
DG  "H2'"  H N N 101 
DG  "H2''" H N N 102 
DG  "H1'"  H N N 103 
DG  H8     H N N 104 
DG  H1     H N N 105 
DG  H21    H N N 106 
DG  H22    H N N 107 
DT  OP3    O N N 108 
DT  P      P N N 109 
DT  OP1    O N N 110 
DT  OP2    O N N 111 
DT  "O5'"  O N N 112 
DT  "C5'"  C N N 113 
DT  "C4'"  C N R 114 
DT  "O4'"  O N N 115 
DT  "C3'"  C N S 116 
DT  "O3'"  O N N 117 
DT  "C2'"  C N N 118 
DT  "C1'"  C N R 119 
DT  N1     N N N 120 
DT  C2     C N N 121 
DT  O2     O N N 122 
DT  N3     N N N 123 
DT  C4     C N N 124 
DT  O4     O N N 125 
DT  C5     C N N 126 
DT  C7     C N N 127 
DT  C6     C N N 128 
DT  HOP3   H N N 129 
DT  HOP2   H N N 130 
DT  "H5'"  H N N 131 
DT  "H5''" H N N 132 
DT  "H4'"  H N N 133 
DT  "H3'"  H N N 134 
DT  "HO3'" H N N 135 
DT  "H2'"  H N N 136 
DT  "H2''" H N N 137 
DT  "H1'"  H N N 138 
DT  H3     H N N 139 
DT  H71    H N N 140 
DT  H72    H N N 141 
DT  H73    H N N 142 
DT  H6     H N N 143 
HOH O      O N N 144 
HOH H1     H N N 145 
HOH H2     H N N 146 
TBZ N1     N N N 147 
TBZ C1     C N S 148 
TBZ C2     C N N 149 
TBZ N2     N N N 150 
TBZ C3     C N N 151 
TBZ C4     C N N 152 
TBZ C5     C Y N 153 
TBZ C6     C Y N 154 
TBZ C7     C Y N 155 
TBZ C8     C Y N 156 
TBZ C9     C Y N 157 
TBZ C10    C Y N 158 
TBZ N3     N Y N 159 
TBZ C11    C Y N 160 
TBZ N4     N Y N 161 
TBZ C12    C Y N 162 
TBZ C13    C Y N 163 
TBZ C14    C Y N 164 
TBZ C15    C Y N 165 
TBZ C16    C Y N 166 
TBZ C17    C Y N 167 
TBZ N5     N Y N 168 
TBZ C18    C Y N 169 
TBZ N6     N Y N 170 
TBZ C19    C Y N 171 
TBZ C20    C Y N 172 
TBZ C21    C Y N 173 
TBZ C22    C Y N 174 
TBZ C23    C Y N 175 
TBZ C24    C Y N 176 
TBZ N7     N Y N 177 
TBZ C25    C Y N 178 
TBZ N8     N Y N 179 
TBZ C26    C Y N 180 
TBZ C27    C Y N 181 
TBZ C28    C Y N 182 
TBZ C29    C Y N 183 
TBZ C30    C Y N 184 
TBZ C31    C Y N 185 
TBZ O1     O N N 186 
TBZ C32    C N N 187 
TBZ HN11   H N N 188 
TBZ HN12   H N N 189 
TBZ HN13   H N N 190 
TBZ H1     H N N 191 
TBZ H21    H N N 192 
TBZ H22    H N N 193 
TBZ H31A   H N N 194 
TBZ H32    H N N 195 
TBZ H41    H N N 196 
TBZ H42    H N N 197 
TBZ H6     H N N 198 
TBZ H9     H N N 199 
TBZ H10    H N N 200 
TBZ HN3    H N N 201 
TBZ H13    H N N 202 
TBZ H16    H N N 203 
TBZ H17    H N N 204 
TBZ HN5    H N N 205 
TBZ H20    H N N 206 
TBZ H23    H N N 207 
TBZ H24    H N N 208 
TBZ HN7    H N N 209 
TBZ H27    H N N 210 
TBZ H28    H N N 211 
TBZ H30    H N N 212 
TBZ H31    H N N 213 
TBZ H321   H N N 214 
TBZ H322   H N N 215 
TBZ H323   H N N 216 
# 
loop_
_chem_comp_bond.comp_id 
_chem_comp_bond.atom_id_1 
_chem_comp_bond.atom_id_2 
_chem_comp_bond.value_order 
_chem_comp_bond.pdbx_aromatic_flag 
_chem_comp_bond.pdbx_stereo_config 
_chem_comp_bond.pdbx_ordinal 
DA  OP3   P      sing N N 1   
DA  OP3   HOP3   sing N N 2   
DA  P     OP1    doub N N 3   
DA  P     OP2    sing N N 4   
DA  P     "O5'"  sing N N 5   
DA  OP2   HOP2   sing N N 6   
DA  "O5'" "C5'"  sing N N 7   
DA  "C5'" "C4'"  sing N N 8   
DA  "C5'" "H5'"  sing N N 9   
DA  "C5'" "H5''" sing N N 10  
DA  "C4'" "O4'"  sing N N 11  
DA  "C4'" "C3'"  sing N N 12  
DA  "C4'" "H4'"  sing N N 13  
DA  "O4'" "C1'"  sing N N 14  
DA  "C3'" "O3'"  sing N N 15  
DA  "C3'" "C2'"  sing N N 16  
DA  "C3'" "H3'"  sing N N 17  
DA  "O3'" "HO3'" sing N N 18  
DA  "C2'" "C1'"  sing N N 19  
DA  "C2'" "H2'"  sing N N 20  
DA  "C2'" "H2''" sing N N 21  
DA  "C1'" N9     sing N N 22  
DA  "C1'" "H1'"  sing N N 23  
DA  N9    C8     sing Y N 24  
DA  N9    C4     sing Y N 25  
DA  C8    N7     doub Y N 26  
DA  C8    H8     sing N N 27  
DA  N7    C5     sing Y N 28  
DA  C5    C6     sing Y N 29  
DA  C5    C4     doub Y N 30  
DA  C6    N6     sing N N 31  
DA  C6    N1     doub Y N 32  
DA  N6    H61    sing N N 33  
DA  N6    H62    sing N N 34  
DA  N1    C2     sing Y N 35  
DA  C2    N3     doub Y N 36  
DA  C2    H2     sing N N 37  
DA  N3    C4     sing Y N 38  
DC  OP3   P      sing N N 39  
DC  OP3   HOP3   sing N N 40  
DC  P     OP1    doub N N 41  
DC  P     OP2    sing N N 42  
DC  P     "O5'"  sing N N 43  
DC  OP2   HOP2   sing N N 44  
DC  "O5'" "C5'"  sing N N 45  
DC  "C5'" "C4'"  sing N N 46  
DC  "C5'" "H5'"  sing N N 47  
DC  "C5'" "H5''" sing N N 48  
DC  "C4'" "O4'"  sing N N 49  
DC  "C4'" "C3'"  sing N N 50  
DC  "C4'" "H4'"  sing N N 51  
DC  "O4'" "C1'"  sing N N 52  
DC  "C3'" "O3'"  sing N N 53  
DC  "C3'" "C2'"  sing N N 54  
DC  "C3'" "H3'"  sing N N 55  
DC  "O3'" "HO3'" sing N N 56  
DC  "C2'" "C1'"  sing N N 57  
DC  "C2'" "H2'"  sing N N 58  
DC  "C2'" "H2''" sing N N 59  
DC  "C1'" N1     sing N N 60  
DC  "C1'" "H1'"  sing N N 61  
DC  N1    C2     sing N N 62  
DC  N1    C6     sing N N 63  
DC  C2    O2     doub N N 64  
DC  C2    N3     sing N N 65  
DC  N3    C4     doub N N 66  
DC  C4    N4     sing N N 67  
DC  C4    C5     sing N N 68  
DC  N4    H41    sing N N 69  
DC  N4    H42    sing N N 70  
DC  C5    C6     doub N N 71  
DC  C5    H5     sing N N 72  
DC  C6    H6     sing N N 73  
DG  OP3   P      sing N N 74  
DG  OP3   HOP3   sing N N 75  
DG  P     OP1    doub N N 76  
DG  P     OP2    sing N N 77  
DG  P     "O5'"  sing N N 78  
DG  OP2   HOP2   sing N N 79  
DG  "O5'" "C5'"  sing N N 80  
DG  "C5'" "C4'"  sing N N 81  
DG  "C5'" "H5'"  sing N N 82  
DG  "C5'" "H5''" sing N N 83  
DG  "C4'" "O4'"  sing N N 84  
DG  "C4'" "C3'"  sing N N 85  
DG  "C4'" "H4'"  sing N N 86  
DG  "O4'" "C1'"  sing N N 87  
DG  "C3'" "O3'"  sing N N 88  
DG  "C3'" "C2'"  sing N N 89  
DG  "C3'" "H3'"  sing N N 90  
DG  "O3'" "HO3'" sing N N 91  
DG  "C2'" "C1'"  sing N N 92  
DG  "C2'" "H2'"  sing N N 93  
DG  "C2'" "H2''" sing N N 94  
DG  "C1'" N9     sing N N 95  
DG  "C1'" "H1'"  sing N N 96  
DG  N9    C8     sing Y N 97  
DG  N9    C4     sing Y N 98  
DG  C8    N7     doub Y N 99  
DG  C8    H8     sing N N 100 
DG  N7    C5     sing Y N 101 
DG  C5    C6     sing N N 102 
DG  C5    C4     doub Y N 103 
DG  C6    O6     doub N N 104 
DG  C6    N1     sing N N 105 
DG  N1    C2     sing N N 106 
DG  N1    H1     sing N N 107 
DG  C2    N2     sing N N 108 
DG  C2    N3     doub N N 109 
DG  N2    H21    sing N N 110 
DG  N2    H22    sing N N 111 
DG  N3    C4     sing N N 112 
DT  OP3   P      sing N N 113 
DT  OP3   HOP3   sing N N 114 
DT  P     OP1    doub N N 115 
DT  P     OP2    sing N N 116 
DT  P     "O5'"  sing N N 117 
DT  OP2   HOP2   sing N N 118 
DT  "O5'" "C5'"  sing N N 119 
DT  "C5'" "C4'"  sing N N 120 
DT  "C5'" "H5'"  sing N N 121 
DT  "C5'" "H5''" sing N N 122 
DT  "C4'" "O4'"  sing N N 123 
DT  "C4'" "C3'"  sing N N 124 
DT  "C4'" "H4'"  sing N N 125 
DT  "O4'" "C1'"  sing N N 126 
DT  "C3'" "O3'"  sing N N 127 
DT  "C3'" "C2'"  sing N N 128 
DT  "C3'" "H3'"  sing N N 129 
DT  "O3'" "HO3'" sing N N 130 
DT  "C2'" "C1'"  sing N N 131 
DT  "C2'" "H2'"  sing N N 132 
DT  "C2'" "H2''" sing N N 133 
DT  "C1'" N1     sing N N 134 
DT  "C1'" "H1'"  sing N N 135 
DT  N1    C2     sing N N 136 
DT  N1    C6     sing N N 137 
DT  C2    O2     doub N N 138 
DT  C2    N3     sing N N 139 
DT  N3    C4     sing N N 140 
DT  N3    H3     sing N N 141 
DT  C4    O4     doub N N 142 
DT  C4    C5     sing N N 143 
DT  C5    C7     sing N N 144 
DT  C5    C6     doub N N 145 
DT  C7    H71    sing N N 146 
DT  C7    H72    sing N N 147 
DT  C7    H73    sing N N 148 
DT  C6    H6     sing N N 149 
HOH O     H1     sing N N 150 
HOH O     H2     sing N N 151 
TBZ N1    C1     sing N N 152 
TBZ N1    HN11   sing N N 153 
TBZ N1    HN12   sing N N 154 
TBZ N1    HN13   sing N N 155 
TBZ C1    C2     sing N N 156 
TBZ C1    C4     sing N N 157 
TBZ C1    H1     sing N N 158 
TBZ C2    N2     sing N N 159 
TBZ C2    H21    sing N N 160 
TBZ C2    H22    sing N N 161 
TBZ N2    C3     sing N N 162 
TBZ N2    C5     sing N N 163 
TBZ C3    C4     sing N N 164 
TBZ C3    H31A   sing N N 165 
TBZ C3    H32    sing N N 166 
TBZ C4    H41    sing N N 167 
TBZ C4    H42    sing N N 168 
TBZ C5    C6     doub Y N 169 
TBZ C5    C10    sing Y N 170 
TBZ C6    C7     sing Y N 171 
TBZ C6    H6     sing N N 172 
TBZ C7    C8     doub Y N 173 
TBZ C7    N3     sing Y N 174 
TBZ C8    C9     sing Y N 175 
TBZ C8    N4     sing Y N 176 
TBZ C9    C10    doub Y N 177 
TBZ C9    H9     sing N N 178 
TBZ C10   H10    sing N N 179 
TBZ N3    C11    sing Y N 180 
TBZ N3    HN3    sing N N 181 
TBZ C11   N4     doub Y N 182 
TBZ C11   C12    sing Y N 183 
TBZ C12   C13    doub Y N 184 
TBZ C12   C17    sing Y N 185 
TBZ C13   C14    sing Y N 186 
TBZ C13   H13    sing N N 187 
TBZ C14   C15    doub Y N 188 
TBZ C14   N5     sing Y N 189 
TBZ C15   C16    sing Y N 190 
TBZ C15   N6     sing Y N 191 
TBZ C16   C17    doub Y N 192 
TBZ C16   H16    sing N N 193 
TBZ C17   H17    sing N N 194 
TBZ N5    C18    sing Y N 195 
TBZ N5    HN5    sing N N 196 
TBZ C18   N6     doub Y N 197 
TBZ C18   C19    sing Y N 198 
TBZ C19   C20    doub Y N 199 
TBZ C19   C24    sing Y N 200 
TBZ C20   C21    sing Y N 201 
TBZ C20   H20    sing N N 202 
TBZ C21   C22    doub Y N 203 
TBZ C21   N7     sing Y N 204 
TBZ C22   C23    sing Y N 205 
TBZ C22   N8     sing Y N 206 
TBZ C23   C24    doub Y N 207 
TBZ C23   H23    sing N N 208 
TBZ C24   H24    sing N N 209 
TBZ N7    C25    sing Y N 210 
TBZ N7    HN7    sing N N 211 
TBZ C25   N8     doub Y N 212 
TBZ C25   C26    sing Y N 213 
TBZ C26   C27    sing Y N 214 
TBZ C26   C31    doub Y N 215 
TBZ C27   C28    doub Y N 216 
TBZ C27   H27    sing N N 217 
TBZ C28   C29    sing Y N 218 
TBZ C28   H28    sing N N 219 
TBZ C29   C30    doub Y N 220 
TBZ C29   O1     sing N N 221 
TBZ C30   C31    sing Y N 222 
TBZ C30   H30    sing N N 223 
TBZ C31   H31    sing N N 224 
TBZ O1    C32    sing N N 225 
TBZ C32   H321   sing N N 226 
TBZ C32   H322   sing N N 227 
TBZ C32   H323   sing N N 228 
# 
_ndb_struct_conf_na.entry_id   263D 
_ndb_struct_conf_na.feature    'b-form double helix' 
# 
loop_
_ndb_struct_na_base_pair.model_number 
_ndb_struct_na_base_pair.i_label_asym_id 
_ndb_struct_na_base_pair.i_label_comp_id 
_ndb_struct_na_base_pair.i_label_seq_id 
_ndb_struct_na_base_pair.i_symmetry 
_ndb_struct_na_base_pair.j_label_asym_id 
_ndb_struct_na_base_pair.j_label_comp_id 
_ndb_struct_na_base_pair.j_label_seq_id 
_ndb_struct_na_base_pair.j_symmetry 
_ndb_struct_na_base_pair.shear 
_ndb_struct_na_base_pair.stretch 
_ndb_struct_na_base_pair.stagger 
_ndb_struct_na_base_pair.buckle 
_ndb_struct_na_base_pair.propeller 
_ndb_struct_na_base_pair.opening 
_ndb_struct_na_base_pair.pair_number 
_ndb_struct_na_base_pair.pair_name 
_ndb_struct_na_base_pair.i_auth_asym_id 
_ndb_struct_na_base_pair.i_auth_seq_id 
_ndb_struct_na_base_pair.i_PDB_ins_code 
_ndb_struct_na_base_pair.j_auth_asym_id 
_ndb_struct_na_base_pair.j_auth_seq_id 
_ndb_struct_na_base_pair.j_PDB_ins_code 
_ndb_struct_na_base_pair.hbond_type_28 
_ndb_struct_na_base_pair.hbond_type_12 
1 A DC 1  1_555 B DG 12 1_555 -0.184 -0.108 0.187  -1.684 -12.056 1.953  1  A_DC1:DG24_B  A 1  ? B 24 ? 19 1 
1 A DG 2  1_555 B DC 11 1_555 -0.235 -0.376 -0.157 -4.074 -10.190 -0.415 2  A_DG2:DC23_B  A 2  ? B 23 ? 19 1 
1 A DC 3  1_555 B DG 10 1_555 -0.835 0.141  -0.236 -1.702 -6.240  4.965  3  A_DC3:DG22_B  A 3  ? B 22 ? 19 1 
1 A DA 4  1_555 B DT 9  1_555 0.543  0.035  -0.175 16.460 -17.711 5.885  4  A_DA4:DT21_B  A 4  ? B 21 ? 20 1 
1 A DA 5  1_555 B DT 8  1_555 0.575  0.185  0.335  13.810 -21.428 5.839  5  A_DA5:DT20_B  A 5  ? B 20 ? 20 1 
1 A DA 6  1_555 B DT 7  1_555 0.185  0.057  0.052  2.004  -26.592 9.622  6  A_DA6:DT19_B  A 6  ? B 19 ? 20 1 
1 A DT 7  1_555 B DA 6  1_555 -0.044 -0.006 0.112  -1.623 -22.875 7.971  7  A_DT7:DA18_B  A 7  ? B 18 ? 20 1 
1 A DT 8  1_555 B DA 5  1_555 -0.393 -0.347 0.185  -8.188 -17.162 -4.498 8  A_DT8:DA17_B  A 8  ? B 17 ? 20 1 
1 A DT 9  1_555 B DA 4  1_555 -0.920 -0.324 -0.143 -9.582 -10.925 -4.922 9  A_DT9:DA16_B  A 9  ? B 16 ? 20 1 
1 A DG 10 1_555 B DC 3  1_555 -0.153 -0.234 0.314  9.883  3.350   3.977  10 A_DG10:DC15_B A 10 ? B 15 ? 19 1 
1 A DC 11 1_555 B DG 2  1_555 0.802  -0.070 0.170  4.787  -22.643 4.081  11 A_DC11:DG14_B A 11 ? B 14 ? 19 1 
1 A DG 12 1_555 B DC 1  1_555 -0.398 -0.497 -0.119 7.329  8.064   -6.955 12 A_DG12:DC13_B A 12 ? B 13 ? 19 1 
# 
loop_
_ndb_struct_na_base_pair_step.model_number 
_ndb_struct_na_base_pair_step.i_label_asym_id_1 
_ndb_struct_na_base_pair_step.i_label_comp_id_1 
_ndb_struct_na_base_pair_step.i_label_seq_id_1 
_ndb_struct_na_base_pair_step.i_symmetry_1 
_ndb_struct_na_base_pair_step.j_label_asym_id_1 
_ndb_struct_na_base_pair_step.j_label_comp_id_1 
_ndb_struct_na_base_pair_step.j_label_seq_id_1 
_ndb_struct_na_base_pair_step.j_symmetry_1 
_ndb_struct_na_base_pair_step.i_label_asym_id_2 
_ndb_struct_na_base_pair_step.i_label_comp_id_2 
_ndb_struct_na_base_pair_step.i_label_seq_id_2 
_ndb_struct_na_base_pair_step.i_symmetry_2 
_ndb_struct_na_base_pair_step.j_label_asym_id_2 
_ndb_struct_na_base_pair_step.j_label_comp_id_2 
_ndb_struct_na_base_pair_step.j_label_seq_id_2 
_ndb_struct_na_base_pair_step.j_symmetry_2 
_ndb_struct_na_base_pair_step.shift 
_ndb_struct_na_base_pair_step.slide 
_ndb_struct_na_base_pair_step.rise 
_ndb_struct_na_base_pair_step.tilt 
_ndb_struct_na_base_pair_step.roll 
_ndb_struct_na_base_pair_step.twist 
_ndb_struct_na_base_pair_step.x_displacement 
_ndb_struct_na_base_pair_step.y_displacement 
_ndb_struct_na_base_pair_step.helical_rise 
_ndb_struct_na_base_pair_step.inclination 
_ndb_struct_na_base_pair_step.tip 
_ndb_struct_na_base_pair_step.helical_twist 
_ndb_struct_na_base_pair_step.step_number 
_ndb_struct_na_base_pair_step.step_name 
_ndb_struct_na_base_pair_step.i_auth_asym_id_1 
_ndb_struct_na_base_pair_step.i_auth_seq_id_1 
_ndb_struct_na_base_pair_step.i_PDB_ins_code_1 
_ndb_struct_na_base_pair_step.j_auth_asym_id_1 
_ndb_struct_na_base_pair_step.j_auth_seq_id_1 
_ndb_struct_na_base_pair_step.j_PDB_ins_code_1 
_ndb_struct_na_base_pair_step.i_auth_asym_id_2 
_ndb_struct_na_base_pair_step.i_auth_seq_id_2 
_ndb_struct_na_base_pair_step.i_PDB_ins_code_2 
_ndb_struct_na_base_pair_step.j_auth_asym_id_2 
_ndb_struct_na_base_pair_step.j_auth_seq_id_2 
_ndb_struct_na_base_pair_step.j_PDB_ins_code_2 
1 A DC 1  1_555 B DG 12 1_555 A DG 2  1_555 B DC 11 1_555 -0.454 0.238  3.561 1.817  4.542   35.471 -0.325 1.024  3.537 7.412   
-2.965 35.796 1  AA_DC1DG2:DC23DG24_BB   A 1  ? B 24 ? A 2  ? B 23 ? 
1 A DG 2  1_555 B DC 11 1_555 A DC 3  1_555 B DG 10 1_555 0.608  0.328  3.244 2.979  -2.160  34.258 0.889  -0.565 3.258 -3.654  
-5.039 34.449 2  AA_DG2DC3:DG22DC23_BB   A 2  ? B 23 ? A 3  ? B 22 ? 
1 A DC 3  1_555 B DG 10 1_555 A DA 4  1_555 B DT 9  1_555 -0.144 1.011  3.011 1.641  4.621   36.698 1.010  0.434  3.102 7.299   
-2.593 37.013 3  AA_DC3DA4:DT21DG22_BB   A 3  ? B 22 ? A 4  ? B 21 ? 
1 A DA 4  1_555 B DT 9  1_555 A DA 5  1_555 B DT 8  1_555 0.023  0.186  3.445 -2.752 1.080   37.132 0.141  -0.421 3.438 1.692   
4.313  37.245 4  AA_DA4DA5:DT20DT21_BB   A 4  ? B 21 ? A 5  ? B 20 ? 
1 A DA 5  1_555 B DT 8  1_555 A DA 6  1_555 B DT 7  1_555 0.130  -0.241 3.512 1.412  4.480   35.294 -1.092 0.008  3.458 7.348   
-2.317 35.596 5  AA_DA5DA6:DT19DT20_BB   A 5  ? B 20 ? A 6  ? B 19 ? 
1 A DA 6  1_555 B DT 7  1_555 A DT 7  1_555 B DA 6  1_555 -0.006 -0.653 3.277 -1.282 2.651   30.013 -1.792 -0.247 3.206 5.103   
2.468  30.154 6  AA_DA6DT7:DA18DT19_BB   A 6  ? B 19 ? A 7  ? B 18 ? 
1 A DT 7  1_555 B DA 6  1_555 A DT 8  1_555 B DA 5  1_555 -0.517 -0.288 3.434 1.009  2.312   35.625 -0.819 0.996  3.393 3.773   
-1.646 35.711 7  AA_DT7DT8:DA17DA18_BB   A 7  ? B 18 ? A 8  ? B 17 ? 
1 A DT 8  1_555 B DA 5  1_555 A DT 9  1_555 B DA 4  1_555 0.014  -0.141 3.243 3.236  -2.981  35.527 0.196  0.440  3.232 -4.862  
-5.279 35.790 8  AA_DT8DT9:DA16DA17_BB   A 8  ? B 17 ? A 9  ? B 16 ? 
1 A DT 9  1_555 B DA 4  1_555 A DG 10 1_555 B DC 3  1_555 0.632  1.033  3.073 -3.805 2.843   37.213 1.256  -1.452 3.064 4.433   
5.933  37.504 9  AA_DT9DG10:DC15DA16_BB  A 9  ? B 16 ? A 10 ? B 15 ? 
1 A DG 10 1_555 B DC 3  1_555 A DC 11 1_555 B DG 2  1_555 -0.487 0.860  3.681 0.975  -12.283 42.663 2.387  0.745  3.312 -16.476 
-1.308 44.327 10 AA_DG10DC11:DG14DC15_BB A 10 ? B 15 ? A 11 ? B 14 ? 
1 A DC 11 1_555 B DG 2  1_555 A DG 12 1_555 B DC 1  1_555 0.289  0.530  3.505 1.460  -2.121  31.799 1.376  -0.243 3.472 -3.863  
-2.659 31.901 11 AA_DC11DG12:DC13DG14_BB A 11 ? B 14 ? A 12 ? B 13 ? 
# 
_pdbx_initial_refinement_model.accession_code   1PRP 
_pdbx_initial_refinement_model.id               1 
_pdbx_initial_refinement_model.entity_id_list   ? 
_pdbx_initial_refinement_model.type             'experimental model' 
_pdbx_initial_refinement_model.source_name      PDB 
_pdbx_initial_refinement_model.details          GDL023 
# 
_atom_sites.entry_id                    263D 
_atom_sites.fract_transf_matrix[1][1]   -0.01870368 
_atom_sites.fract_transf_matrix[1][2]   -0.02019518 
_atom_sites.fract_transf_matrix[1][3]   0.02968911 
_atom_sites.fract_transf_matrix[2][1]   -0.02172662 
_atom_sites.fract_transf_matrix[2][2]   0.00649368 
_atom_sites.fract_transf_matrix[2][3]   -0.00927029 
_atom_sites.fract_transf_matrix[3][1]   -0.00008663 
_atom_sites.fract_transf_matrix[3][2]   -0.01271433 
_atom_sites.fract_transf_matrix[3][3]   -0.00870314 
_atom_sites.fract_transf_vector[1]      0.555891 
_atom_sites.fract_transf_vector[2]      0.523070 
_atom_sites.fract_transf_vector[3]      1.114872 
# 
loop_
_atom_type.symbol 
C 
N 
O 
P 
# 
loop_
_atom_site.group_PDB 
_atom_site.id 
_atom_site.type_symbol 
_atom_site.label_atom_id 
_atom_site.label_alt_id 
_atom_site.label_comp_id 
_atom_site.label_asym_id 
_atom_site.label_entity_id 
_atom_site.label_seq_id 
_atom_site.pdbx_PDB_ins_code 
_atom_site.Cartn_x 
_atom_site.Cartn_y 
_atom_site.Cartn_z 
_atom_site.occupancy 
_atom_site.B_iso_or_equiv 
_atom_site.pdbx_formal_charge 
_atom_site.auth_seq_id 
_atom_site.auth_comp_id 
_atom_site.auth_asym_id 
_atom_site.auth_atom_id 
_atom_site.pdbx_PDB_model_num 
ATOM   1   O "O5'" . DC  A 1 1  ? -14.390 -13.481 -11.180 1.00 36.09 ? 1  DC  A "O5'" 1 
ATOM   2   C "C5'" . DC  A 1 1  ? -14.453 -12.673 -9.991  1.00 29.30 ? 1  DC  A "C5'" 1 
ATOM   3   C "C4'" . DC  A 1 1  ? -13.845 -13.439 -8.842  1.00 28.23 ? 1  DC  A "C4'" 1 
ATOM   4   O "O4'" . DC  A 1 1  ? -12.595 -14.019 -9.266  1.00 25.62 ? 1  DC  A "O4'" 1 
ATOM   5   C "C3'" . DC  A 1 1  ? -13.534 -12.633 -7.584  1.00 29.82 ? 1  DC  A "C3'" 1 
ATOM   6   O "O3'" . DC  A 1 1  ? -13.953 -13.396 -6.442  1.00 36.13 ? 1  DC  A "O3'" 1 
ATOM   7   C "C2'" . DC  A 1 1  ? -12.032 -12.428 -7.649  1.00 27.06 ? 1  DC  A "C2'" 1 
ATOM   8   C "C1'" . DC  A 1 1  ? -11.548 -13.657 -8.386  1.00 23.03 ? 1  DC  A "C1'" 1 
ATOM   9   N N1    . DC  A 1 1  ? -10.332 -13.454 -9.201  1.00 18.58 ? 1  DC  A N1    1 
ATOM   10  C C2    . DC  A 1 1  ? -9.192  -14.202 -8.915  1.00 17.40 ? 1  DC  A C2    1 
ATOM   11  O O2    . DC  A 1 1  ? -9.208  -14.983 -7.954  1.00 18.60 ? 1  DC  A O2    1 
ATOM   12  N N3    . DC  A 1 1  ? -8.098  -14.056 -9.682  1.00 18.37 ? 1  DC  A N3    1 
ATOM   13  C C4    . DC  A 1 1  ? -8.102  -13.190 -10.692 1.00 17.82 ? 1  DC  A C4    1 
ATOM   14  N N4    . DC  A 1 1  ? -6.997  -13.090 -11.420 1.00 22.92 ? 1  DC  A N4    1 
ATOM   15  C C5    . DC  A 1 1  ? -9.236  -12.396 -10.997 1.00 18.96 ? 1  DC  A C5    1 
ATOM   16  C C6    . DC  A 1 1  ? -10.324 -12.560 -10.233 1.00 21.69 ? 1  DC  A C6    1 
ATOM   17  P P     . DG  A 1 2  ? -13.950 -12.734 -4.975  1.00 35.45 ? 2  DG  A P     1 
ATOM   18  O OP1   . DG  A 1 2  ? -15.009 -13.454 -4.225  1.00 41.16 ? 2  DG  A OP1   1 
ATOM   19  O OP2   . DG  A 1 2  ? -13.985 -11.252 -5.069  1.00 42.54 ? 2  DG  A OP2   1 
ATOM   20  O "O5'" . DG  A 1 2  ? -12.511 -13.088 -4.391  1.00 30.28 ? 2  DG  A "O5'" 1 
ATOM   21  C "C5'" . DG  A 1 2  ? -12.184 -14.424 -4.075  1.00 21.05 ? 2  DG  A "C5'" 1 
ATOM   22  C "C4'" . DG  A 1 2  ? -10.928 -14.452 -3.251  1.00 22.37 ? 2  DG  A "C4'" 1 
ATOM   23  O "O4'" . DG  A 1 2  ? -9.774  -14.329 -4.110  1.00 21.31 ? 2  DG  A "O4'" 1 
ATOM   24  C "C3'" . DG  A 1 2  ? -10.835 -13.335 -2.210  1.00 22.31 ? 2  DG  A "C3'" 1 
ATOM   25  O "O3'" . DG  A 1 2  ? -10.461 -13.914 -0.944  1.00 27.30 ? 2  DG  A "O3'" 1 
ATOM   26  C "C2'" . DG  A 1 2  ? -9.830  -12.364 -2.805  1.00 24.53 ? 2  DG  A "C2'" 1 
ATOM   27  C "C1'" . DG  A 1 2  ? -8.958  -13.239 -3.697  1.00 23.63 ? 2  DG  A "C1'" 1 
ATOM   28  N N9    . DG  A 1 2  ? -8.438  -12.575 -4.909  1.00 17.30 ? 2  DG  A N9    1 
ATOM   29  C C8    . DG  A 1 2  ? -9.073  -11.633 -5.688  1.00 14.58 ? 2  DG  A C8    1 
ATOM   30  N N7    . DG  A 1 2  ? -8.361  -11.259 -6.725  1.00 21.46 ? 2  DG  A N7    1 
ATOM   31  C C5    . DG  A 1 2  ? -7.180  -11.998 -6.614  1.00 22.11 ? 2  DG  A C5    1 
ATOM   32  C C6    . DG  A 1 2  ? -6.001  -12.035 -7.451  1.00 18.14 ? 2  DG  A C6    1 
ATOM   33  O O6    . DG  A 1 2  ? -5.768  -11.426 -8.502  1.00 15.36 ? 2  DG  A O6    1 
ATOM   34  N N1    . DG  A 1 2  ? -5.046  -12.907 -6.944  1.00 17.79 ? 2  DG  A N1    1 
ATOM   35  C C2    . DG  A 1 2  ? -5.187  -13.653 -5.800  1.00 12.32 ? 2  DG  A C2    1 
ATOM   36  N N2    . DG  A 1 2  ? -4.158  -14.414 -5.470  1.00 8.02  ? 2  DG  A N2    1 
ATOM   37  N N3    . DG  A 1 2  ? -6.257  -13.647 -5.039  1.00 16.67 ? 2  DG  A N3    1 
ATOM   38  C C4    . DG  A 1 2  ? -7.210  -12.803 -5.495  1.00 15.93 ? 2  DG  A C4    1 
ATOM   39  P P     . DC  A 1 3  ? -10.198 -12.995 0.348   1.00 23.64 ? 3  DC  A P     1 
ATOM   40  O OP1   . DC  A 1 3  ? -10.727 -13.793 1.475   1.00 25.58 ? 3  DC  A OP1   1 
ATOM   41  O OP2   . DC  A 1 3  ? -10.712 -11.622 0.122   1.00 28.93 ? 3  DC  A OP2   1 
ATOM   42  O "O5'" . DC  A 1 3  ? -8.610  -12.923 0.402   1.00 23.41 ? 3  DC  A "O5'" 1 
ATOM   43  C "C5'" . DC  A 1 3  ? -7.847  -14.135 0.434   1.00 20.13 ? 3  DC  A "C5'" 1 
ATOM   44  C "C4'" . DC  A 1 3  ? -6.367  -13.854 0.309   1.00 16.80 ? 3  DC  A "C4'" 1 
ATOM   45  O "O4'" . DC  A 1 3  ? -6.060  -13.406 -1.035  1.00 21.18 ? 3  DC  A "O4'" 1 
ATOM   46  C "C3'" . DC  A 1 3  ? -5.821  -12.778 1.244   1.00 17.99 ? 3  DC  A "C3'" 1 
ATOM   47  O "O3'" . DC  A 1 3  ? -4.870  -13.307 2.163   1.00 21.82 ? 3  DC  A "O3'" 1 
ATOM   48  C "C2'" . DC  A 1 3  ? -5.236  -11.714 0.333   1.00 11.80 ? 3  DC  A "C2'" 1 
ATOM   49  C "C1'" . DC  A 1 3  ? -5.068  -12.394 -1.002  1.00 9.64  ? 3  DC  A "C1'" 1 
ATOM   50  N N1    . DC  A 1 3  ? -5.353  -11.461 -2.098  1.00 17.56 ? 3  DC  A N1    1 
ATOM   51  C C2    . DC  A 1 3  ? -4.459  -11.355 -3.170  1.00 15.83 ? 3  DC  A C2    1 
ATOM   52  O O2    . DC  A 1 3  ? -3.425  -12.043 -3.166  1.00 17.08 ? 3  DC  A O2    1 
ATOM   53  N N3    . DC  A 1 3  ? -4.743  -10.504 -4.174  1.00 10.13 ? 3  DC  A N3    1 
ATOM   54  C C4    . DC  A 1 3  ? -5.855  -9.764  -4.129  1.00 15.06 ? 3  DC  A C4    1 
ATOM   55  N N4    . DC  A 1 3  ? -6.093  -8.922  -5.144  1.00 14.08 ? 3  DC  A N4    1 
ATOM   56  C C5    . DC  A 1 3  ? -6.777  -9.847  -3.046  1.00 12.15 ? 3  DC  A C5    1 
ATOM   57  C C6    . DC  A 1 3  ? -6.491  -10.697 -2.067  1.00 15.30 ? 3  DC  A C6    1 
ATOM   58  P P     . DA  A 1 4  ? -4.040  -12.309 3.101   1.00 23.04 ? 4  DA  A P     1 
ATOM   59  O OP1   . DA  A 1 4  ? -3.626  -13.027 4.332   1.00 32.30 ? 4  DA  A OP1   1 
ATOM   60  O OP2   . DA  A 1 4  ? -4.814  -11.049 3.198   1.00 18.57 ? 4  DA  A OP2   1 
ATOM   61  O "O5'" . DA  A 1 4  ? -2.744  -12.045 2.232   1.00 25.81 ? 4  DA  A "O5'" 1 
ATOM   62  C "C5'" . DA  A 1 4  ? -2.021  -13.150 1.711   1.00 13.83 ? 4  DA  A "C5'" 1 
ATOM   63  C "C4'" . DA  A 1 4  ? -0.702  -12.670 1.188   1.00 14.47 ? 4  DA  A "C4'" 1 
ATOM   64  O "O4'" . DA  A 1 4  ? -0.946  -11.871 0.017   1.00 14.23 ? 4  DA  A "O4'" 1 
ATOM   65  C "C3'" . DA  A 1 4  ? 0.010   -11.758 2.182   1.00 16.93 ? 4  DA  A "C3'" 1 
ATOM   66  O "O3'" . DA  A 1 4  ? 1.398   -12.105 2.227   1.00 32.14 ? 4  DA  A "O3'" 1 
ATOM   67  C "C2'" . DA  A 1 4  ? -0.295  -10.354 1.702   1.00 8.22  ? 4  DA  A "C2'" 1 
ATOM   68  C "C1'" . DA  A 1 4  ? -0.548  -10.523 0.219   1.00 10.10 ? 4  DA  A "C1'" 1 
ATOM   69  N N9    . DA  A 1 4  ? -1.621  -9.674  -0.266  1.00 13.03 ? 4  DA  A N9    1 
ATOM   70  C C8    . DA  A 1 4  ? -2.701  -9.178  0.438   1.00 9.63  ? 4  DA  A C8    1 
ATOM   71  N N7    . DA  A 1 4  ? -3.498  -8.412  -0.278  1.00 8.19  ? 4  DA  A N7    1 
ATOM   72  C C5    . DA  A 1 4  ? -2.907  -8.401  -1.534  1.00 10.08 ? 4  DA  A C5    1 
ATOM   73  C C6    . DA  A 1 4  ? -3.255  -7.773  -2.731  1.00 11.34 ? 4  DA  A C6    1 
ATOM   74  N N6    . DA  A 1 4  ? -4.312  -6.969  -2.867  1.00 14.36 ? 4  DA  A N6    1 
ATOM   75  N N1    . DA  A 1 4  ? -2.469  -7.995  -3.805  1.00 12.04 ? 4  DA  A N1    1 
ATOM   76  C C2    . DA  A 1 4  ? -1.391  -8.783  -3.668  1.00 8.15  ? 4  DA  A C2    1 
ATOM   77  N N3    . DA  A 1 4  ? -0.944  -9.415  -2.595  1.00 11.86 ? 4  DA  A N3    1 
ATOM   78  C C4    . DA  A 1 4  ? -1.758  -9.188  -1.546  1.00 14.87 ? 4  DA  A C4    1 
ATOM   79  P P     . DA  A 1 5  ? 2.469   -11.109 2.889   1.00 33.41 ? 5  DA  A P     1 
ATOM   80  O OP1   . DA  A 1 5  ? 3.506   -12.016 3.440   1.00 38.04 ? 5  DA  A OP1   1 
ATOM   81  O OP2   . DA  A 1 5  ? 1.812   -10.095 3.761   1.00 31.85 ? 5  DA  A OP2   1 
ATOM   82  O "O5'" . DA  A 1 5  ? 3.064   -10.324 1.640   1.00 36.43 ? 5  DA  A "O5'" 1 
ATOM   83  C "C5'" . DA  A 1 5  ? 3.633   -11.052 0.549   1.00 31.89 ? 5  DA  A "C5'" 1 
ATOM   84  C "C4'" . DA  A 1 5  ? 4.124   -10.104 -0.516  1.00 25.33 ? 5  DA  A "C4'" 1 
ATOM   85  O "O4'" . DA  A 1 5  ? 3.019   -9.308  -0.992  1.00 24.98 ? 5  DA  A "O4'" 1 
ATOM   86  C "C3'" . DA  A 1 5  ? 5.177   -9.107  -0.045  1.00 26.22 ? 5  DA  A "C3'" 1 
ATOM   87  O "O3'" . DA  A 1 5  ? 6.202   -9.009  -1.035  1.00 25.73 ? 5  DA  A "O3'" 1 
ATOM   88  C "C2'" . DA  A 1 5  ? 4.405   -7.821  0.175   1.00 22.80 ? 5  DA  A "C2'" 1 
ATOM   89  C "C1'" . DA  A 1 5  ? 3.284   -7.924  -0.829  1.00 19.04 ? 5  DA  A "C1'" 1 
ATOM   90  N N9    . DA  A 1 5  ? 2.056   -7.294  -0.407  1.00 17.89 ? 5  DA  A N9    1 
ATOM   91  C C8    . DA  A 1 5  ? 1.454   -7.315  0.827   1.00 18.40 ? 5  DA  A C8    1 
ATOM   92  N N7    . DA  A 1 5  ? 0.310   -6.680  0.867   1.00 15.87 ? 5  DA  A N7    1 
ATOM   93  C C5    . DA  A 1 5  ? 0.153   -6.193  -0.428  1.00 15.48 ? 5  DA  A C5    1 
ATOM   94  C C6    . DA  A 1 5  ? -0.863  -5.437  -1.055  1.00 10.20 ? 5  DA  A C6    1 
ATOM   95  N N6    . DA  A 1 5  ? -1.971  -5.009  -0.452  1.00 10.32 ? 5  DA  A N6    1 
ATOM   96  N N1    . DA  A 1 5  ? -0.697  -5.134  -2.356  1.00 17.78 ? 5  DA  A N1    1 
ATOM   97  C C2    . DA  A 1 5  ? 0.406   -5.570  -2.988  1.00 12.33 ? 5  DA  A C2    1 
ATOM   98  N N3    . DA  A 1 5  ? 1.418   -6.281  -2.518  1.00 16.01 ? 5  DA  A N3    1 
ATOM   99  C C4    . DA  A 1 5  ? 1.230   -6.562  -1.217  1.00 15.45 ? 5  DA  A C4    1 
ATOM   100 P P     . DA  A 1 6  ? 7.436   -8.006  -0.816  1.00 25.87 ? 6  DA  A P     1 
ATOM   101 O OP1   . DA  A 1 6  ? 8.602   -8.615  -1.506  1.00 28.58 ? 6  DA  A OP1   1 
ATOM   102 O OP2   . DA  A 1 6  ? 7.531   -7.651  0.625   1.00 24.26 ? 6  DA  A OP2   1 
ATOM   103 O "O5'" . DA  A 1 6  ? 6.943   -6.719  -1.610  1.00 23.69 ? 6  DA  A "O5'" 1 
ATOM   104 C "C5'" . DA  A 1 6  ? 6.682   -6.813  -3.004  1.00 14.41 ? 6  DA  A "C5'" 1 
ATOM   105 C "C4'" . DA  A 1 6  ? 6.332   -5.458  -3.564  1.00 15.98 ? 6  DA  A "C4'" 1 
ATOM   106 O "O4'" . DA  A 1 6  ? 5.003   -5.064  -3.167  1.00 9.48  ? 6  DA  A "O4'" 1 
ATOM   107 C "C3'" . DA  A 1 6  ? 7.267   -4.313  -3.169  1.00 14.74 ? 6  DA  A "C3'" 1 
ATOM   108 O "O3'" . DA  A 1 6  ? 7.631   -3.618  -4.374  1.00 16.75 ? 6  DA  A "O3'" 1 
ATOM   109 C "C2'" . DA  A 1 6  ? 6.438   -3.486  -2.202  1.00 16.35 ? 6  DA  A "C2'" 1 
ATOM   110 C "C1'" . DA  A 1 6  ? 5.017   -3.738  -2.669  1.00 12.52 ? 6  DA  A "C1'" 1 
ATOM   111 N N9    . DA  A 1 6  ? 4.014   -3.646  -1.609  1.00 11.12 ? 6  DA  A N9    1 
ATOM   112 C C8    . DA  A 1 6  ? 4.120   -4.129  -0.332  1.00 13.82 ? 6  DA  A C8    1 
ATOM   113 N N7    . DA  A 1 6  ? 3.067   -3.897  0.413   1.00 19.24 ? 6  DA  A N7    1 
ATOM   114 C C5    . DA  A 1 6  ? 2.198   -3.220  -0.434  1.00 17.89 ? 6  DA  A C5    1 
ATOM   115 C C6    . DA  A 1 6  ? 0.884   -2.696  -0.251  1.00 11.46 ? 6  DA  A C6    1 
ATOM   116 N N6    . DA  A 1 6  ? 0.168   -2.836  0.861   1.00 2.93  ? 6  DA  A N6    1 
ATOM   117 N N1    . DA  A 1 6  ? 0.326   -2.037  -1.286  1.00 13.46 ? 6  DA  A N1    1 
ATOM   118 C C2    . DA  A 1 6  ? 1.009   -1.957  -2.438  1.00 18.02 ? 6  DA  A C2    1 
ATOM   119 N N3    . DA  A 1 6  ? 2.220   -2.437  -2.743  1.00 20.76 ? 6  DA  A N3    1 
ATOM   120 C C4    . DA  A 1 6  ? 2.772   -3.058  -1.685  1.00 15.46 ? 6  DA  A C4    1 
ATOM   121 P P     . DT  A 1 7  ? 8.625   -2.372  -4.333  1.00 14.61 ? 7  DT  A P     1 
ATOM   122 O OP1   . DT  A 1 7  ? 9.257   -2.348  -5.666  1.00 22.19 ? 7  DT  A OP1   1 
ATOM   123 O OP2   . DT  A 1 7  ? 9.461   -2.354  -3.114  1.00 15.73 ? 7  DT  A OP2   1 
ATOM   124 O "O5'" . DT  A 1 7  ? 7.641   -1.149  -4.227  1.00 11.98 ? 7  DT  A "O5'" 1 
ATOM   125 C "C5'" . DT  A 1 7  ? 6.636   -1.017  -5.205  1.00 11.49 ? 7  DT  A "C5'" 1 
ATOM   126 C "C4'" . DT  A 1 7  ? 5.729   0.134   -4.871  1.00 10.44 ? 7  DT  A "C4'" 1 
ATOM   127 O "O4'" . DT  A 1 7  ? 4.879   -0.224  -3.769  1.00 12.91 ? 7  DT  A "O4'" 1 
ATOM   128 C "C3'" . DT  A 1 7  ? 6.422   1.435   -4.464  1.00 15.01 ? 7  DT  A "C3'" 1 
ATOM   129 O "O3'" . DT  A 1 7  ? 6.181   2.412   -5.479  1.00 19.07 ? 7  DT  A "O3'" 1 
ATOM   130 C "C2'" . DT  A 1 7  ? 5.832   1.766   -3.099  1.00 14.67 ? 7  DT  A "C2'" 1 
ATOM   131 C "C1'" . DT  A 1 7  ? 4.550   0.963   -3.092  1.00 13.08 ? 7  DT  A "C1'" 1 
ATOM   132 N N1    . DT  A 1 7  ? 4.053   0.591   -1.759  1.00 19.16 ? 7  DT  A N1    1 
ATOM   133 C C2    . DT  A 1 7  ? 2.761   0.949   -1.399  1.00 16.06 ? 7  DT  A C2    1 
ATOM   134 O O2    . DT  A 1 7  ? 2.002   1.568   -2.133  1.00 14.36 ? 7  DT  A O2    1 
ATOM   135 N N3    . DT  A 1 7  ? 2.389   0.545   -0.132  1.00 13.17 ? 7  DT  A N3    1 
ATOM   136 C C4    . DT  A 1 7  ? 3.156   -0.173  0.780   1.00 15.10 ? 7  DT  A C4    1 
ATOM   137 O O4    . DT  A 1 7  ? 2.676   -0.501  1.885   1.00 17.11 ? 7  DT  A O4    1 
ATOM   138 C C5    . DT  A 1 7  ? 4.493   -0.497  0.334   1.00 8.79  ? 7  DT  A C5    1 
ATOM   139 C C7    . DT  A 1 7  ? 5.396   -1.249  1.250   1.00 17.24 ? 7  DT  A C7    1 
ATOM   140 C C6    . DT  A 1 7  ? 4.869   -0.110  -0.893  1.00 15.09 ? 7  DT  A C6    1 
ATOM   141 P P     . DT  A 1 8  ? 6.721   3.913   -5.315  1.00 18.38 ? 8  DT  A P     1 
ATOM   142 O OP1   . DT  A 1 8  ? 6.908   4.430   -6.696  1.00 25.25 ? 8  DT  A OP1   1 
ATOM   143 O OP2   . DT  A 1 8  ? 7.821   4.018   -4.325  1.00 14.09 ? 8  DT  A OP2   1 
ATOM   144 O "O5'" . DT  A 1 8  ? 5.481   4.630   -4.658  1.00 19.63 ? 8  DT  A "O5'" 1 
ATOM   145 C "C5'" . DT  A 1 8  ? 4.251   4.664   -5.341  1.00 18.35 ? 8  DT  A "C5'" 1 
ATOM   146 C "C4'" . DT  A 1 8  ? 3.284   5.534   -4.589  1.00 15.97 ? 8  DT  A "C4'" 1 
ATOM   147 O "O4'" . DT  A 1 8  ? 3.005   4.879   -3.334  1.00 14.15 ? 8  DT  A "O4'" 1 
ATOM   148 C "C3'" . DT  A 1 8  ? 3.797   6.937   -4.241  1.00 16.70 ? 8  DT  A "C3'" 1 
ATOM   149 O "O3'" . DT  A 1 8  ? 2.920   7.904   -4.861  1.00 21.89 ? 8  DT  A "O3'" 1 
ATOM   150 C "C2'" . DT  A 1 8  ? 3.889   6.941   -2.716  1.00 15.16 ? 8  DT  A "C2'" 1 
ATOM   151 C "C1'" . DT  A 1 8  ? 2.928   5.839   -2.310  1.00 11.97 ? 8  DT  A "C1'" 1 
ATOM   152 N N1    . DT  A 1 8  ? 3.164   5.135   -1.016  1.00 15.84 ? 8  DT  A N1    1 
ATOM   153 C C2    . DT  A 1 8  ? 2.103   5.064   -0.139  1.00 10.83 ? 8  DT  A C2    1 
ATOM   154 O O2    . DT  A 1 8  ? 1.017   5.569   -0.367  1.00 21.81 ? 8  DT  A O2    1 
ATOM   155 N N3    . DT  A 1 8  ? 2.347   4.361   1.007   1.00 7.06  ? 8  DT  A N3    1 
ATOM   156 C C4    . DT  A 1 8  ? 3.501   3.691   1.348   1.00 10.01 ? 8  DT  A C4    1 
ATOM   157 O O4    . DT  A 1 8  ? 3.527   3.003   2.377   1.00 5.62  ? 8  DT  A O4    1 
ATOM   158 C C5    . DT  A 1 8  ? 4.598   3.835   0.402   1.00 9.78  ? 8  DT  A C5    1 
ATOM   159 C C7    . DT  A 1 8  ? 5.905   3.180   0.707   1.00 9.19  ? 8  DT  A C7    1 
ATOM   160 C C6    . DT  A 1 8  ? 4.381   4.547   -0.716  1.00 14.13 ? 8  DT  A C6    1 
ATOM   161 P P     . DT  A 1 9  ? 2.977   9.459   -4.468  1.00 17.36 ? 9  DT  A P     1 
ATOM   162 O OP1   . DT  A 1 9  ? 2.365   10.234  -5.565  1.00 23.82 ? 9  DT  A OP1   1 
ATOM   163 O OP2   . DT  A 1 9  ? 4.307   9.837   -3.935  1.00 27.01 ? 9  DT  A OP2   1 
ATOM   164 O "O5'" . DT  A 1 9  ? 1.997   9.542   -3.230  1.00 25.39 ? 9  DT  A "O5'" 1 
ATOM   165 C "C5'" . DT  A 1 9  ? 0.643   9.171   -3.377  1.00 18.47 ? 9  DT  A "C5'" 1 
ATOM   166 C "C4'" . DT  A 1 9  ? -0.098  9.468   -2.101  1.00 20.38 ? 9  DT  A "C4'" 1 
ATOM   167 O "O4'" . DT  A 1 9  ? 0.397   8.604   -1.052  1.00 20.15 ? 9  DT  A "O4'" 1 
ATOM   168 C "C3'" . DT  A 1 9  ? 0.084   10.895  -1.591  1.00 18.97 ? 9  DT  A "C3'" 1 
ATOM   169 O "O3'" . DT  A 1 9  ? -1.203  11.466  -1.432  1.00 29.38 ? 9  DT  A "O3'" 1 
ATOM   170 C "C2'" . DT  A 1 9  ? 0.848   10.740  -0.287  1.00 21.19 ? 9  DT  A "C2'" 1 
ATOM   171 C "C1'" . DT  A 1 9  ? 0.475   9.341   0.148   1.00 15.06 ? 9  DT  A "C1'" 1 
ATOM   172 N N1    . DT  A 1 9  ? 1.431   8.656   1.025   1.00 14.06 ? 9  DT  A N1    1 
ATOM   173 C C2    . DT  A 1 9  ? 0.951   8.064   2.177   1.00 14.01 ? 9  DT  A C2    1 
ATOM   174 O O2    . DT  A 1 9  ? -0.188  8.174   2.558   1.00 23.92 ? 9  DT  A O2    1 
ATOM   175 N N3    . DT  A 1 9  ? 1.866   7.338   2.875   1.00 14.83 ? 9  DT  A N3    1 
ATOM   176 C C4    . DT  A 1 9  ? 3.186   7.157   2.564   1.00 14.12 ? 9  DT  A C4    1 
ATOM   177 O O4    . DT  A 1 9  ? 3.868   6.412   3.261   1.00 24.87 ? 9  DT  A O4    1 
ATOM   178 C C5    . DT  A 1 9  ? 3.653   7.867   1.389   1.00 10.01 ? 9  DT  A C5    1 
ATOM   179 C C7    . DT  A 1 9  ? 5.094   7.781   1.008   1.00 10.25 ? 9  DT  A C7    1 
ATOM   180 C C6    . DT  A 1 9  ? 2.760   8.573   0.685   1.00 11.44 ? 9  DT  A C6    1 
ATOM   181 P P     . DG  A 1 10 ? -1.370  13.055  -1.301  1.00 36.73 ? 10 DG  A P     1 
ATOM   182 O OP1   . DG  A 1 10 ? -2.668  13.397  -1.937  1.00 36.58 ? 10 DG  A OP1   1 
ATOM   183 O OP2   . DG  A 1 10 ? -0.116  13.721  -1.735  1.00 40.08 ? 10 DG  A OP2   1 
ATOM   184 O "O5'" . DG  A 1 10 ? -1.524  13.268  0.258   1.00 36.34 ? 10 DG  A "O5'" 1 
ATOM   185 C "C5'" . DG  A 1 10 ? -2.620  12.645  0.883   1.00 31.38 ? 10 DG  A "C5'" 1 
ATOM   186 C "C4'" . DG  A 1 10 ? -2.489  12.698  2.380   1.00 30.74 ? 10 DG  A "C4'" 1 
ATOM   187 O "O4'" . DG  A 1 10 ? -1.372  11.917  2.834   1.00 23.47 ? 10 DG  A "O4'" 1 
ATOM   188 C "C3'" . DG  A 1 10 ? -2.352  14.075  3.005   1.00 28.10 ? 10 DG  A "C3'" 1 
ATOM   189 O "O3'" . DG  A 1 10 ? -3.621  14.287  3.666   1.00 33.76 ? 10 DG  A "O3'" 1 
ATOM   190 C "C2'" . DG  A 1 10 ? -1.026  14.018  3.759   1.00 25.07 ? 10 DG  A "C2'" 1 
ATOM   191 C "C1'" . DG  A 1 10 ? -0.751  12.531  3.919   1.00 21.97 ? 10 DG  A "C1'" 1 
ATOM   192 N N9    . DG  A 1 10 ? 0.625   12.087  3.876   1.00 23.17 ? 10 DG  A N9    1 
ATOM   193 C C8    . DG  A 1 10 ? 1.569   12.431  2.947   1.00 23.97 ? 10 DG  A C8    1 
ATOM   194 N N7    . DG  A 1 10 ? 2.674   11.745  3.065   1.00 23.69 ? 10 DG  A N7    1 
ATOM   195 C C5    . DG  A 1 10 ? 2.456   10.918  4.157   1.00 22.26 ? 10 DG  A C5    1 
ATOM   196 C C6    . DG  A 1 10 ? 3.287   9.927   4.746   1.00 27.16 ? 10 DG  A C6    1 
ATOM   197 O O6    . DG  A 1 10 ? 4.405   9.534   4.376   1.00 32.73 ? 10 DG  A O6    1 
ATOM   198 N N1    . DG  A 1 10 ? 2.690   9.360   5.865   1.00 23.20 ? 10 DG  A N1    1 
ATOM   199 C C2    . DG  A 1 10 ? 1.454   9.684   6.341   1.00 19.89 ? 10 DG  A C2    1 
ATOM   200 N N2    . DG  A 1 10 ? 1.076   9.064   7.437   1.00 20.63 ? 10 DG  A N2    1 
ATOM   201 N N3    . DG  A 1 10 ? 0.653   10.565  5.784   1.00 24.63 ? 10 DG  A N3    1 
ATOM   202 C C4    . DG  A 1 10 ? 1.217   11.149  4.702   1.00 24.14 ? 10 DG  A C4    1 
ATOM   203 P P     . DC  A 1 11 ? -3.801  15.340  4.854   1.00 32.88 ? 11 DC  A P     1 
ATOM   204 O OP1   . DC  A 1 11 ? -5.194  15.837  4.760   1.00 39.90 ? 11 DC  A OP1   1 
ATOM   205 O OP2   . DC  A 1 11 ? -2.671  16.302  4.909   1.00 34.33 ? 11 DC  A OP2   1 
ATOM   206 O "O5'" . DC  A 1 11 ? -3.762  14.382  6.102   1.00 38.76 ? 11 DC  A "O5'" 1 
ATOM   207 C "C5'" . DC  A 1 11 ? -4.470  13.145  6.024   1.00 38.29 ? 11 DC  A "C5'" 1 
ATOM   208 C "C4'" . DC  A 1 11 ? -4.157  12.306  7.231   1.00 33.55 ? 11 DC  A "C4'" 1 
ATOM   209 O "O4'" . DC  A 1 11 ? -2.741  12.010  7.232   1.00 26.11 ? 11 DC  A "O4'" 1 
ATOM   210 C "C3'" . DC  A 1 11 ? -4.432  13.078  8.517   1.00 33.43 ? 11 DC  A "C3'" 1 
ATOM   211 O "O3'" . DC  A 1 11 ? -4.984  12.185  9.489   1.00 41.05 ? 11 DC  A "O3'" 1 
ATOM   212 C "C2'" . DC  A 1 11 ? -3.079  13.659  8.889   1.00 29.17 ? 11 DC  A "C2'" 1 
ATOM   213 C "C1'" . DC  A 1 11 ? -2.107  12.634  8.348   1.00 23.93 ? 11 DC  A "C1'" 1 
ATOM   214 N N1    . DC  A 1 11 ? -0.843  13.182  7.884   1.00 20.90 ? 11 DC  A N1    1 
ATOM   215 C C2    . DC  A 1 11 ? 0.323   12.484  8.166   1.00 16.18 ? 11 DC  A C2    1 
ATOM   216 O O2    . DC  A 1 11 ? 0.257   11.488  8.878   1.00 14.71 ? 11 DC  A O2    1 
ATOM   217 N N3    . DC  A 1 11 ? 1.494   12.913  7.658   1.00 19.09 ? 11 DC  A N3    1 
ATOM   218 C C4    . DC  A 1 11 ? 1.530   14.021  6.918   1.00 18.75 ? 11 DC  A C4    1 
ATOM   219 N N4    . DC  A 1 11 ? 2.704   14.399  6.434   1.00 15.04 ? 11 DC  A N4    1 
ATOM   220 C C5    . DC  A 1 11 ? 0.357   14.786  6.647   1.00 18.47 ? 11 DC  A C5    1 
ATOM   221 C C6    . DC  A 1 11 ? -0.800  14.334  7.149   1.00 20.38 ? 11 DC  A C6    1 
ATOM   222 P P     . DG  A 1 12 ? -5.587  12.765  10.856  1.00 40.68 ? 12 DG  A P     1 
ATOM   223 O OP1   . DG  A 1 12 ? -6.649  11.813  11.293  1.00 38.59 ? 12 DG  A OP1   1 
ATOM   224 O OP2   . DG  A 1 12 ? -5.909  14.206  10.651  1.00 36.14 ? 12 DG  A OP2   1 
ATOM   225 O "O5'" . DG  A 1 12 ? -4.326  12.790  11.837  1.00 44.00 ? 12 DG  A "O5'" 1 
ATOM   226 C "C5'" . DG  A 1 12 ? -3.804  11.607  12.443  1.00 34.63 ? 12 DG  A "C5'" 1 
ATOM   227 C "C4'" . DG  A 1 12 ? -2.719  11.971  13.436  1.00 31.85 ? 12 DG  A "C4'" 1 
ATOM   228 O "O4'" . DG  A 1 12 ? -1.506  12.320  12.727  1.00 29.87 ? 12 DG  A "O4'" 1 
ATOM   229 C "C3'" . DG  A 1 12 ? -3.039  13.163  14.348  1.00 30.06 ? 12 DG  A "C3'" 1 
ATOM   230 O "O3'" . DG  A 1 12 ? -2.733  12.876  15.716  1.00 34.81 ? 12 DG  A "O3'" 1 
ATOM   231 C "C2'" . DG  A 1 12 ? -2.121  14.266  13.847  1.00 28.74 ? 12 DG  A "C2'" 1 
ATOM   232 C "C1'" . DG  A 1 12 ? -0.945  13.484  13.300  1.00 26.60 ? 12 DG  A "C1'" 1 
ATOM   233 N N9    . DG  A 1 12 ? -0.215  14.174  12.264  1.00 23.10 ? 12 DG  A N9    1 
ATOM   234 C C8    . DG  A 1 12 ? -0.707  15.138  11.416  1.00 25.16 ? 12 DG  A C8    1 
ATOM   235 N N7    . DG  A 1 12 ? 0.187   15.586  10.577  1.00 22.01 ? 12 DG  A N7    1 
ATOM   236 C C5    . DG  A 1 12 ? 1.338   14.873  10.890  1.00 20.05 ? 12 DG  A C5    1 
ATOM   237 C C6    . DG  A 1 12 ? 2.614   14.927  10.323  1.00 15.68 ? 12 DG  A C6    1 
ATOM   238 O O6    . DG  A 1 12 ? 3.013   15.650  9.418   1.00 23.85 ? 12 DG  A O6    1 
ATOM   239 N N1    . DG  A 1 12 ? 3.475   14.024  10.916  1.00 17.30 ? 12 DG  A N1    1 
ATOM   240 C C2    . DG  A 1 12 ? 3.142   13.173  11.932  1.00 15.22 ? 12 DG  A C2    1 
ATOM   241 N N2    . DG  A 1 12 ? 4.104   12.339  12.340  1.00 19.32 ? 12 DG  A N2    1 
ATOM   242 N N3    . DG  A 1 12 ? 1.957   13.131  12.498  1.00 13.16 ? 12 DG  A N3    1 
ATOM   243 C C4    . DG  A 1 12 ? 1.105   13.995  11.927  1.00 20.23 ? 12 DG  A C4    1 
ATOM   244 O "O5'" . DC  B 1 1  ? 13.130  13.817  8.401   1.00 42.85 ? 13 DC  B "O5'" 1 
ATOM   245 C "C5'" . DC  B 1 1  ? 12.103  14.411  9.222   1.00 43.87 ? 13 DC  B "C5'" 1 
ATOM   246 C "C4'" . DC  B 1 1  ? 11.604  13.488  10.313  1.00 39.25 ? 13 DC  B "C4'" 1 
ATOM   247 O "O4'" . DC  B 1 1  ? 10.357  13.963  10.875  1.00 32.50 ? 13 DC  B "O4'" 1 
ATOM   248 C "C3'" . DC  B 1 1  ? 11.320  12.070  9.842   1.00 36.35 ? 13 DC  B "C3'" 1 
ATOM   249 O "O3'" . DC  B 1 1  ? 11.763  11.162  10.845  1.00 37.24 ? 13 DC  B "O3'" 1 
ATOM   250 C "C2'" . DC  B 1 1  ? 9.828   12.057  9.581   1.00 31.90 ? 13 DC  B "C2'" 1 
ATOM   251 C "C1'" . DC  B 1 1  ? 9.275   13.102  10.536  1.00 30.70 ? 13 DC  B "C1'" 1 
ATOM   252 N N1    . DC  B 1 1  ? 8.191   13.950  9.963   1.00 26.11 ? 13 DC  B N1    1 
ATOM   253 C C2    . DC  B 1 1  ? 6.870   13.738  10.355  1.00 24.14 ? 13 DC  B C2    1 
ATOM   254 O O2    . DC  B 1 1  ? 6.610   12.789  11.092  1.00 26.81 ? 13 DC  B O2    1 
ATOM   255 N N3    . DC  B 1 1  ? 5.899   14.582  9.907   1.00 28.64 ? 13 DC  B N3    1 
ATOM   256 C C4    . DC  B 1 1  ? 6.220   15.597  9.090   1.00 25.16 ? 13 DC  B C4    1 
ATOM   257 N N4    . DC  B 1 1  ? 5.262   16.440  8.723   1.00 19.99 ? 13 DC  B N4    1 
ATOM   258 C C5    . DC  B 1 1  ? 7.546   15.795  8.628   1.00 24.86 ? 13 DC  B C5    1 
ATOM   259 C C6    . DC  B 1 1  ? 8.493   14.956  9.085   1.00 29.64 ? 13 DC  B C6    1 
ATOM   260 P P     . DG  B 1 2  ? 11.781  9.592   10.539  1.00 34.14 ? 14 DG  B P     1 
ATOM   261 O OP1   . DG  B 1 2  ? 12.839  8.970   11.376  1.00 39.69 ? 14 DG  B OP1   1 
ATOM   262 O OP2   . DG  B 1 2  ? 11.746  9.372   9.070   1.00 28.48 ? 14 DG  B OP2   1 
ATOM   263 O "O5'" . DG  B 1 2  ? 10.402  9.102   11.124  1.00 36.51 ? 14 DG  B "O5'" 1 
ATOM   264 C "C5'" . DG  B 1 2  ? 10.214  9.089   12.521  1.00 30.90 ? 14 DG  B "C5'" 1 
ATOM   265 C "C4'" . DG  B 1 2  ? 8.960   8.329   12.833  1.00 26.17 ? 14 DG  B "C4'" 1 
ATOM   266 O "O4'" . DG  B 1 2  ? 7.877   9.093   12.267  1.00 26.10 ? 14 DG  B "O4'" 1 
ATOM   267 C "C3'" . DG  B 1 2  ? 8.942   6.970   12.144  1.00 26.61 ? 14 DG  B "C3'" 1 
ATOM   268 O "O3'" . DG  B 1 2  ? 8.563   5.931   13.066  1.00 27.25 ? 14 DG  B "O3'" 1 
ATOM   269 C "C2'" . DG  B 1 2  ? 8.033   7.165   10.942  1.00 25.86 ? 14 DG  B "C2'" 1 
ATOM   270 C "C1'" . DG  B 1 2  ? 7.153   8.347   11.313  1.00 24.53 ? 14 DG  B "C1'" 1 
ATOM   271 N N9    . DG  B 1 2  ? 6.865   9.236   10.184  1.00 25.94 ? 14 DG  B N9    1 
ATOM   272 C C8    . DG  B 1 2  ? 7.746   9.643   9.216   1.00 23.39 ? 14 DG  B C8    1 
ATOM   273 N N7    . DG  B 1 2  ? 7.202   10.413  8.315   1.00 18.46 ? 14 DG  B N7    1 
ATOM   274 C C5    . DG  B 1 2  ? 5.884   10.532  8.715   1.00 21.00 ? 14 DG  B C5    1 
ATOM   275 C C6    . DG  B 1 2  ? 4.812   11.234  8.120   1.00 22.48 ? 14 DG  B C6    1 
ATOM   276 O O6    . DG  B 1 2  ? 4.819   11.922  7.103   1.00 25.71 ? 14 DG  B O6    1 
ATOM   277 N N1    . DG  B 1 2  ? 3.634   11.080  8.841   1.00 27.02 ? 14 DG  B N1    1 
ATOM   278 C C2    . DG  B 1 2  ? 3.511   10.351  10.001  1.00 24.86 ? 14 DG  B C2    1 
ATOM   279 N N2    . DG  B 1 2  ? 2.297   10.338  10.559  1.00 18.42 ? 14 DG  B N2    1 
ATOM   280 N N3    . DG  B 1 2  ? 4.507   9.693   10.571  1.00 23.95 ? 14 DG  B N3    1 
ATOM   281 C C4    . DG  B 1 2  ? 5.657   9.821   9.874   1.00 25.58 ? 14 DG  B C4    1 
ATOM   282 P P     . DC  B 1 3  ? 8.122   4.488   12.519  1.00 22.08 ? 15 DC  B P     1 
ATOM   283 O OP1   . DC  B 1 3  ? 8.109   3.558   13.670  1.00 31.84 ? 15 DC  B OP1   1 
ATOM   284 O OP2   . DC  B 1 3  ? 8.897   4.159   11.307  1.00 24.53 ? 15 DC  B OP2   1 
ATOM   285 O "O5'" . DC  B 1 3  ? 6.611   4.719   12.096  1.00 26.02 ? 15 DC  B "O5'" 1 
ATOM   286 C "C5'" . DC  B 1 3  ? 5.693   5.164   13.085  1.00 21.42 ? 15 DC  B "C5'" 1 
ATOM   287 C "C4'" . DC  B 1 3  ? 4.281   5.102   12.567  1.00 20.11 ? 15 DC  B "C4'" 1 
ATOM   288 O "O4'" . DC  B 1 3  ? 4.090   6.141   11.588  1.00 19.36 ? 15 DC  B "O4'" 1 
ATOM   289 C "C3'" . DC  B 1 3  ? 3.883   3.787   11.911  1.00 17.62 ? 15 DC  B "C3'" 1 
ATOM   290 O "O3'" . DC  B 1 3  ? 2.800   3.213   12.640  1.00 20.95 ? 15 DC  B "O3'" 1 
ATOM   291 C "C2'" . DC  B 1 3  ? 3.599   4.143   10.467  1.00 17.80 ? 15 DC  B "C2'" 1 
ATOM   292 C "C1'" . DC  B 1 3  ? 3.454   5.647   10.437  1.00 13.92 ? 15 DC  B "C1'" 1 
ATOM   293 N N1    . DC  B 1 3  ? 4.141   6.201   9.306   1.00 13.03 ? 15 DC  B N1    1 
ATOM   294 C C2    . DC  B 1 3  ? 3.437   7.000   8.426   1.00 14.75 ? 15 DC  B C2    1 
ATOM   295 O O2    . DC  B 1 3  ? 2.250   7.252   8.684   1.00 8.52  ? 15 DC  B O2    1 
ATOM   296 N N3    . DC  B 1 3  ? 4.063   7.483   7.311   1.00 11.48 ? 15 DC  B N3    1 
ATOM   297 C C4    . DC  B 1 3  ? 5.345   7.184   7.087   1.00 13.55 ? 15 DC  B C4    1 
ATOM   298 N N4    . DC  B 1 3  ? 5.909   7.649   5.975   1.00 15.47 ? 15 DC  B N4    1 
ATOM   299 C C5    . DC  B 1 3  ? 6.100   6.387   7.997   1.00 14.54 ? 15 DC  B C5    1 
ATOM   300 C C6    . DC  B 1 3  ? 5.466   5.926   9.087   1.00 17.39 ? 15 DC  B C6    1 
ATOM   301 P P     . DA  B 1 4  ? 2.268   1.737   12.301  1.00 17.61 ? 16 DA  B P     1 
ATOM   302 O OP1   . DA  B 1 4  ? 1.949   1.146   13.627  1.00 30.28 ? 16 DA  B OP1   1 
ATOM   303 O OP2   . DA  B 1 4  ? 3.188   1.025   11.367  1.00 17.19 ? 16 DA  B OP2   1 
ATOM   304 O "O5'" . DA  B 1 4  ? 0.891   2.025   11.568  1.00 19.03 ? 16 DA  B "O5'" 1 
ATOM   305 C "C5'" . DA  B 1 4  ? -0.061  2.830   12.232  1.00 15.22 ? 16 DA  B "C5'" 1 
ATOM   306 C "C4'" . DA  B 1 4  ? -1.111  3.313   11.268  1.00 20.86 ? 16 DA  B "C4'" 1 
ATOM   307 O "O4'" . DA  B 1 4  ? -0.483  4.080   10.219  1.00 20.87 ? 16 DA  B "O4'" 1 
ATOM   308 C "C3'" . DA  B 1 4  ? -1.917  2.218   10.581  1.00 23.23 ? 16 DA  B "C3'" 1 
ATOM   309 O "O3'" . DA  B 1 4  ? -3.308  2.549   10.727  1.00 25.81 ? 16 DA  B "O3'" 1 
ATOM   310 C "C2'" . DA  B 1 4  ? -1.364  2.161   9.162   1.00 19.54 ? 16 DA  B "C2'" 1 
ATOM   311 C "C1'" . DA  B 1 4  ? -0.797  3.557   8.935   1.00 19.82 ? 16 DA  B "C1'" 1 
ATOM   312 N N9    . DA  B 1 4  ? 0.428   3.600   8.152   1.00 14.93 ? 16 DA  B N9    1 
ATOM   313 C C8    . DA  B 1 4  ? 1.533   2.806   8.306   1.00 16.66 ? 16 DA  B C8    1 
ATOM   314 N N7    . DA  B 1 4  ? 2.521   3.113   7.504   1.00 16.82 ? 16 DA  B N7    1 
ATOM   315 C C5    . DA  B 1 4  ? 2.027   4.172   6.755   1.00 17.19 ? 16 DA  B C5    1 
ATOM   316 C C6    . DA  B 1 4  ? 2.588   4.954   5.715   1.00 20.42 ? 16 DA  B C6    1 
ATOM   317 N N6    . DA  B 1 4  ? 3.835   4.791   5.236   1.00 16.80 ? 16 DA  B N6    1 
ATOM   318 N N1    . DA  B 1 4  ? 1.816   5.923   5.182   1.00 13.98 ? 16 DA  B N1    1 
ATOM   319 C C2    . DA  B 1 4  ? 0.582   6.097   5.671   1.00 14.96 ? 16 DA  B C2    1 
ATOM   320 N N3    . DA  B 1 4  ? -0.044  5.445   6.635   1.00 15.80 ? 16 DA  B N3    1 
ATOM   321 C C4    . DA  B 1 4  ? 0.736   4.479   7.140   1.00 15.58 ? 16 DA  B C4    1 
ATOM   322 P P     . DA  B 1 5  ? -4.412  1.788   9.863   1.00 24.38 ? 17 DA  B P     1 
ATOM   323 O OP1   . DA  B 1 5  ? -5.734  1.821   10.534  1.00 33.94 ? 17 DA  B OP1   1 
ATOM   324 O OP2   . DA  B 1 5  ? -3.806  0.498   9.450   1.00 28.25 ? 17 DA  B OP2   1 
ATOM   325 O "O5'" . DA  B 1 5  ? -4.538  2.681   8.566   1.00 24.14 ? 17 DA  B "O5'" 1 
ATOM   326 C "C5'" . DA  B 1 5  ? -4.852  4.051   8.684   1.00 22.02 ? 17 DA  B "C5'" 1 
ATOM   327 C "C4'" . DA  B 1 5  ? -5.077  4.633   7.316   1.00 21.68 ? 17 DA  B "C4'" 1 
ATOM   328 O "O4'" . DA  B 1 5  ? -3.829  4.670   6.594   1.00 24.61 ? 17 DA  B "O4'" 1 
ATOM   329 C "C3'" . DA  B 1 5  ? -6.026  3.793   6.470   1.00 23.51 ? 17 DA  B "C3'" 1 
ATOM   330 O "O3'" . DA  B 1 5  ? -6.909  4.671   5.795   1.00 24.22 ? 17 DA  B "O3'" 1 
ATOM   331 C "C2'" . DA  B 1 5  ? -5.116  2.997   5.557   1.00 20.64 ? 17 DA  B "C2'" 1 
ATOM   332 C "C1'" . DA  B 1 5  ? -3.919  3.916   5.400   1.00 19.42 ? 17 DA  B "C1'" 1 
ATOM   333 N N9    . DA  B 1 5  ? -2.648  3.248   5.213   1.00 16.62 ? 17 DA  B N9    1 
ATOM   334 C C8    . DA  B 1 5  ? -2.151  2.160   5.883   1.00 19.05 ? 17 DA  B C8    1 
ATOM   335 N N7    . DA  B 1 5  ? -0.953  1.804   5.502   1.00 19.18 ? 17 DA  B N7    1 
ATOM   336 C C5    . DA  B 1 5  ? -0.638  2.717   4.507   1.00 19.08 ? 17 DA  B C5    1 
ATOM   337 C C6    . DA  B 1 5  ? 0.505   2.882   3.709   1.00 20.61 ? 17 DA  B C6    1 
ATOM   338 N N6    . DA  B 1 5  ? 1.581   2.096   3.787   1.00 22.96 ? 17 DA  B N6    1 
ATOM   339 N N1    . DA  B 1 5  ? 0.509   3.899   2.819   1.00 19.08 ? 17 DA  B N1    1 
ATOM   340 C C2    . DA  B 1 5  ? -0.584  4.691   2.748   1.00 25.19 ? 17 DA  B C2    1 
ATOM   341 N N3    . DA  B 1 5  ? -1.720  4.632   3.444   1.00 15.75 ? 17 DA  B N3    1 
ATOM   342 C C4    . DA  B 1 5  ? -1.678  3.611   4.317   1.00 20.43 ? 17 DA  B C4    1 
ATOM   343 P P     . DA  B 1 6  ? -7.965  4.085   4.768   1.00 29.97 ? 18 DA  B P     1 
ATOM   344 O OP1   . DA  B 1 6  ? -9.132  5.006   4.798   1.00 30.52 ? 18 DA  B OP1   1 
ATOM   345 O OP2   . DA  B 1 6  ? -8.123  2.644   5.084   1.00 23.70 ? 18 DA  B OP2   1 
ATOM   346 O "O5'" . DA  B 1 6  ? -7.254  4.240   3.353   1.00 30.72 ? 18 DA  B "O5'" 1 
ATOM   347 C "C5'" . DA  B 1 6  ? -7.007  5.552   2.847   1.00 28.08 ? 18 DA  B "C5'" 1 
ATOM   348 C "C4'" . DA  B 1 6  ? -6.213  5.495   1.564   1.00 20.32 ? 18 DA  B "C4'" 1 
ATOM   349 O "O4'" . DA  B 1 6  ? -4.944  4.841   1.783   1.00 12.03 ? 18 DA  B "O4'" 1 
ATOM   350 C "C3'" . DA  B 1 6  ? -6.881  4.739   0.429   1.00 19.10 ? 18 DA  B "C3'" 1 
ATOM   351 O "O3'" . DA  B 1 6  ? -6.952  5.589   -0.707  1.00 25.99 ? 18 DA  B "O3'" 1 
ATOM   352 C "C2'" . DA  B 1 6  ? -6.001  3.523   0.204   1.00 7.69  ? 18 DA  B "C2'" 1 
ATOM   353 C "C1'" . DA  B 1 6  ? -4.666  3.963   0.721   1.00 7.19  ? 18 DA  B "C1'" 1 
ATOM   354 N N9    . DA  B 1 6  ? -3.906  2.879   1.259   1.00 8.76  ? 18 DA  B N9    1 
ATOM   355 C C8    . DA  B 1 6  ? -4.308  2.010   2.239   1.00 13.42 ? 18 DA  B C8    1 
ATOM   356 N N7    . DA  B 1 6  ? -3.404  1.121   2.558   1.00 18.73 ? 18 DA  B N7    1 
ATOM   357 C C5    . DA  B 1 6  ? -2.332  1.426   1.728   1.00 14.38 ? 18 DA  B C5    1 
ATOM   358 C C6    . DA  B 1 6  ? -1.068  0.852   1.587   1.00 11.84 ? 18 DA  B C6    1 
ATOM   359 N N6    . DA  B 1 6  ? -0.676  -0.192  2.298   1.00 4.80  ? 18 DA  B N6    1 
ATOM   360 N N1    . DA  B 1 6  ? -0.221  1.391   0.674   1.00 9.81  ? 18 DA  B N1    1 
ATOM   361 C C2    . DA  B 1 6  ? -0.645  2.441   -0.045  1.00 9.32  ? 18 DA  B C2    1 
ATOM   362 N N3    . DA  B 1 6  ? -1.824  3.068   -0.005  1.00 9.72  ? 18 DA  B N3    1 
ATOM   363 C C4    . DA  B 1 6  ? -2.630  2.503   0.916   1.00 10.02 ? 18 DA  B C4    1 
ATOM   364 P P     . DT  B 1 7  ? -7.707  5.086   -2.022  1.00 27.84 ? 19 DT  B P     1 
ATOM   365 O OP1   . DT  B 1 7  ? -8.077  6.306   -2.779  1.00 34.61 ? 19 DT  B OP1   1 
ATOM   366 O OP2   . DT  B 1 7  ? -8.743  4.083   -1.655  1.00 26.42 ? 19 DT  B OP2   1 
ATOM   367 O "O5'" . DT  B 1 7  ? -6.560  4.346   -2.818  1.00 25.18 ? 19 DT  B "O5'" 1 
ATOM   368 C "C5'" . DT  B 1 7  ? -5.434  5.100   -3.177  1.00 23.23 ? 19 DT  B "C5'" 1 
ATOM   369 C "C4'" . DT  B 1 7  ? -4.431  4.244   -3.889  1.00 21.10 ? 19 DT  B "C4'" 1 
ATOM   370 O "O4'" . DT  B 1 7  ? -3.832  3.347   -2.942  1.00 16.65 ? 19 DT  B "O4'" 1 
ATOM   371 C "C3'" . DT  B 1 7  ? -4.978  3.382   -5.025  1.00 22.06 ? 19 DT  B "C3'" 1 
ATOM   372 O "O3'" . DT  B 1 7  ? -4.407  3.855   -6.254  1.00 23.67 ? 19 DT  B "O3'" 1 
ATOM   373 C "C2'" . DT  B 1 7  ? -4.604  1.959   -4.628  1.00 21.21 ? 19 DT  B "C2'" 1 
ATOM   374 C "C1'" . DT  B 1 7  ? -3.488  2.169   -3.620  1.00 17.09 ? 19 DT  B "C1'" 1 
ATOM   375 N N1    . DT  B 1 7  ? -3.364  1.129   -2.635  1.00 18.71 ? 19 DT  B N1    1 
ATOM   376 C C2    . DT  B 1 7  ? -2.138  0.507   -2.493  1.00 20.45 ? 19 DT  B C2    1 
ATOM   377 O O2    . DT  B 1 7  ? -1.144  0.806   -3.146  1.00 11.55 ? 19 DT  B O2    1 
ATOM   378 N N3    . DT  B 1 7  ? -2.115  -0.497  -1.546  1.00 19.86 ? 19 DT  B N3    1 
ATOM   379 C C4    . DT  B 1 7  ? -3.163  -0.918  -0.742  1.00 19.52 ? 19 DT  B C4    1 
ATOM   380 O O4    . DT  B 1 7  ? -2.984  -1.843  0.065   1.00 20.45 ? 19 DT  B O4    1 
ATOM   381 C C5    . DT  B 1 7  ? -4.415  -0.202  -0.934  1.00 15.65 ? 19 DT  B C5    1 
ATOM   382 C C7    . DT  B 1 7  ? -5.598  -0.577  -0.096  1.00 20.23 ? 19 DT  B C7    1 
ATOM   383 C C6    . DT  B 1 7  ? -4.453  0.767   -1.856  1.00 16.05 ? 19 DT  B C6    1 
ATOM   384 P P     . DT  B 1 8  ? -4.639  3.057   -7.621  1.00 19.55 ? 20 DT  B P     1 
ATOM   385 O OP1   . DT  B 1 8  ? -4.337  4.030   -8.686  1.00 31.30 ? 20 DT  B OP1   1 
ATOM   386 O OP2   . DT  B 1 8  ? -5.928  2.319   -7.628  1.00 18.89 ? 20 DT  B OP2   1 
ATOM   387 O "O5'" . DT  B 1 8  ? -3.469  1.994   -7.596  1.00 23.14 ? 20 DT  B "O5'" 1 
ATOM   388 C "C5'" . DT  B 1 8  ? -2.143  2.440   -7.373  1.00 19.53 ? 20 DT  B "C5'" 1 
ATOM   389 C "C4'" . DT  B 1 8  ? -1.171  1.330   -7.672  1.00 16.09 ? 20 DT  B "C4'" 1 
ATOM   390 O "O4'" . DT  B 1 8  ? -1.159  0.405   -6.572  1.00 12.79 ? 20 DT  B "O4'" 1 
ATOM   391 C "C3'" . DT  B 1 8  ? -1.499  0.508   -8.914  1.00 17.81 ? 20 DT  B "C3'" 1 
ATOM   392 O "O3'" . DT  B 1 8  ? -0.316  0.361   -9.699  1.00 19.87 ? 20 DT  B "O3'" 1 
ATOM   393 C "C2'" . DT  B 1 8  ? -2.033  -0.799  -8.354  1.00 13.29 ? 20 DT  B "C2'" 1 
ATOM   394 C "C1'" . DT  B 1 8  ? -1.322  -0.909  -7.035  1.00 7.72  ? 20 DT  B "C1'" 1 
ATOM   395 N N1    . DT  B 1 8  ? -2.030  -1.614  -6.021  1.00 15.14 ? 20 DT  B N1    1 
ATOM   396 C C2    . DT  B 1 8  ? -1.327  -2.573  -5.366  1.00 9.33  ? 20 DT  B C2    1 
ATOM   397 O O2    . DT  B 1 8  ? -0.196  -2.875  -5.678  1.00 12.64 ? 20 DT  B O2    1 
ATOM   398 N N3    . DT  B 1 8  ? -2.000  -3.179  -4.338  1.00 8.48  ? 20 DT  B N3    1 
ATOM   399 C C4    . DT  B 1 8  ? -3.301  -2.950  -3.938  1.00 9.19  ? 20 DT  B C4    1 
ATOM   400 O O4    . DT  B 1 8  ? -3.764  -3.577  -2.993  1.00 10.59 ? 20 DT  B O4    1 
ATOM   401 C C5    . DT  B 1 8  ? -4.015  -1.957  -4.708  1.00 11.22 ? 20 DT  B C5    1 
ATOM   402 C C7    . DT  B 1 8  ? -5.449  -1.691  -4.387  1.00 5.80  ? 20 DT  B C7    1 
ATOM   403 C C6    . DT  B 1 8  ? -3.351  -1.328  -5.695  1.00 12.49 ? 20 DT  B C6    1 
ATOM   404 P P     . DT  B 1 9  ? -0.333  -0.546  -11.020 1.00 21.12 ? 21 DT  B P     1 
ATOM   405 O OP1   . DT  B 1 9  ? 0.731   -0.001  -11.902 1.00 26.66 ? 21 DT  B OP1   1 
ATOM   406 O OP2   . DT  B 1 9  ? -1.716  -0.707  -11.525 1.00 20.59 ? 21 DT  B OP2   1 
ATOM   407 O "O5'" . DT  B 1 9  ? 0.168   -1.952  -10.512 1.00 20.47 ? 21 DT  B "O5'" 1 
ATOM   408 C "C5'" . DT  B 1 9  ? 1.429   -2.008  -9.863  1.00 19.62 ? 21 DT  B "C5'" 1 
ATOM   409 C "C4'" . DT  B 1 9  ? 1.778   -3.426  -9.504  1.00 14.27 ? 21 DT  B "C4'" 1 
ATOM   410 O "O4'" . DT  B 1 9  ? 0.919   -3.873  -8.430  1.00 8.84  ? 21 DT  B "O4'" 1 
ATOM   411 C "C3'" . DT  B 1 9  ? 1.610   -4.417  -10.654 1.00 11.96 ? 21 DT  B "C3'" 1 
ATOM   412 O "O3'" . DT  B 1 9  ? 2.887   -4.989  -10.987 1.00 10.97 ? 21 DT  B "O3'" 1 
ATOM   413 C "C2'" . DT  B 1 9  ? 0.537   -5.381  -10.163 1.00 13.53 ? 21 DT  B "C2'" 1 
ATOM   414 C "C1'" . DT  B 1 9  ? 0.573   -5.219  -8.650  1.00 12.02 ? 21 DT  B "C1'" 1 
ATOM   415 N N1    . DT  B 1 9  ? -0.678  -5.442  -7.958  1.00 13.84 ? 21 DT  B N1    1 
ATOM   416 C C2    . DT  B 1 9  ? -0.700  -6.264  -6.841  1.00 8.81  ? 21 DT  B C2    1 
ATOM   417 O O2    . DT  B 1 9  ? 0.248   -6.907  -6.461  1.00 8.72  ? 21 DT  B O2    1 
ATOM   418 N N3    . DT  B 1 9  ? -1.896  -6.315  -6.190  1.00 10.15 ? 21 DT  B N3    1 
ATOM   419 C C4    . DT  B 1 9  ? -3.058  -5.671  -6.534  1.00 10.99 ? 21 DT  B C4    1 
ATOM   420 O O4    . DT  B 1 9  ? -4.045  -5.795  -5.812  1.00 16.91 ? 21 DT  B O4    1 
ATOM   421 C C5    . DT  B 1 9  ? -2.989  -4.868  -7.760  1.00 12.05 ? 21 DT  B C5    1 
ATOM   422 C C7    . DT  B 1 9  ? -4.217  -4.169  -8.262  1.00 7.39  ? 21 DT  B C7    1 
ATOM   423 C C6    . DT  B 1 9  ? -1.814  -4.797  -8.394  1.00 13.86 ? 21 DT  B C6    1 
ATOM   424 P P     . DG  B 1 10 ? 3.045   -5.892  -12.298 1.00 12.75 ? 22 DG  B P     1 
ATOM   425 O OP1   . DG  B 1 10 ? 4.469   -5.935  -12.695 1.00 19.46 ? 22 DG  B OP1   1 
ATOM   426 O OP2   . DG  B 1 10 ? 2.000   -5.501  -13.275 1.00 21.39 ? 22 DG  B OP2   1 
ATOM   427 O "O5'" . DG  B 1 10 ? 2.706   -7.341  -11.755 1.00 23.67 ? 22 DG  B "O5'" 1 
ATOM   428 C "C5'" . DG  B 1 10 ? 3.482   -7.843  -10.672 1.00 24.01 ? 22 DG  B "C5'" 1 
ATOM   429 C "C4'" . DG  B 1 10 ? 2.976   -9.185  -10.210 1.00 16.57 ? 22 DG  B "C4'" 1 
ATOM   430 O "O4'" . DG  B 1 10 ? 1.774   -9.079  -9.420  1.00 12.98 ? 22 DG  B "O4'" 1 
ATOM   431 C "C3'" . DG  B 1 10 ? 2.710   -10.200 -11.306 1.00 14.76 ? 22 DG  B "C3'" 1 
ATOM   432 O "O3'" . DG  B 1 10 ? 3.658   -11.248 -11.087 1.00 25.86 ? 22 DG  B "O3'" 1 
ATOM   433 C "C2'" . DG  B 1 10 ? 1.219   -10.489 -11.208 1.00 12.63 ? 22 DG  B "C2'" 1 
ATOM   434 C "C1'" . DG  B 1 10 ? 0.838   -10.072 -9.790  1.00 12.77 ? 22 DG  B "C1'" 1 
ATOM   435 N N9    . DG  B 1 10 ? -0.502  -9.486  -9.632  1.00 10.73 ? 22 DG  B N9    1 
ATOM   436 C C8    . DG  B 1 10 ? -1.146  -8.675  -10.526 1.00 8.73  ? 22 DG  B C8    1 
ATOM   437 N N7    . DG  B 1 10 ? -2.304  -8.245  -10.092 1.00 10.72 ? 22 DG  B N7    1 
ATOM   438 C C5    . DG  B 1 10 ? -2.447  -8.831  -8.839  1.00 9.50  ? 22 DG  B C5    1 
ATOM   439 C C6    . DG  B 1 10 ? -3.520  -8.746  -7.878  1.00 12.51 ? 22 DG  B C6    1 
ATOM   440 O O6    . DG  B 1 10 ? -4.613  -8.144  -7.965  1.00 9.21  ? 22 DG  B O6    1 
ATOM   441 N N1    . DG  B 1 10 ? -3.232  -9.481  -6.734  1.00 10.67 ? 22 DG  B N1    1 
ATOM   442 C C2    . DG  B 1 10 ? -2.102  -10.219 -6.538  1.00 7.54  ? 22 DG  B C2    1 
ATOM   443 N N2    . DG  B 1 10 ? -2.037  -10.868 -5.398  1.00 7.72  ? 22 DG  B N2    1 
ATOM   444 N N3    . DG  B 1 10 ? -1.113  -10.315 -7.410  1.00 13.33 ? 22 DG  B N3    1 
ATOM   445 C C4    . DG  B 1 10 ? -1.350  -9.603  -8.536  1.00 13.70 ? 22 DG  B C4    1 
ATOM   446 P P     . DC  B 1 11 ? 3.487   -12.684 -11.772 1.00 31.97 ? 23 DC  B P     1 
ATOM   447 O OP1   . DC  B 1 11 ? 4.853   -13.190 -12.013 1.00 35.62 ? 23 DC  B OP1   1 
ATOM   448 O OP2   . DC  B 1 11 ? 2.517   -12.628 -12.894 1.00 28.87 ? 23 DC  B OP2   1 
ATOM   449 O "O5'" . DC  B 1 11 ? 2.834   -13.526 -10.587 1.00 34.64 ? 23 DC  B "O5'" 1 
ATOM   450 C "C5'" . DC  B 1 11 ? 3.495   -13.614 -9.321  1.00 21.91 ? 23 DC  B "C5'" 1 
ATOM   451 C "C4'" . DC  B 1 11 ? 2.751   -14.559 -8.407  1.00 21.27 ? 23 DC  B "C4'" 1 
ATOM   452 O "O4'" . DC  B 1 11 ? 1.530   -13.949 -7.918  1.00 17.88 ? 23 DC  B "O4'" 1 
ATOM   453 C "C3'" . DC  B 1 11 ? 2.350   -15.862 -9.088  1.00 20.01 ? 23 DC  B "C3'" 1 
ATOM   454 O "O3'" . DC  B 1 11 ? 2.833   -16.993 -8.370  1.00 23.27 ? 23 DC  B "O3'" 1 
ATOM   455 C "C2'" . DC  B 1 11 ? 0.840   -15.797 -9.201  1.00 17.94 ? 23 DC  B "C2'" 1 
ATOM   456 C "C1'" . DC  B 1 11 ? 0.410   -14.791 -8.145  1.00 18.58 ? 23 DC  B "C1'" 1 
ATOM   457 N N1    . DC  B 1 11 ? -0.680  -13.952 -8.669  1.00 18.68 ? 23 DC  B N1    1 
ATOM   458 C C2    . DC  B 1 11 ? -1.813  -13.717 -7.898  1.00 8.65  ? 23 DC  B C2    1 
ATOM   459 O O2    . DC  B 1 11 ? -1.886  -14.195 -6.775  1.00 14.90 ? 23 DC  B O2    1 
ATOM   460 N N3    . DC  B 1 11 ? -2.809  -12.973 -8.403  1.00 14.67 ? 23 DC  B N3    1 
ATOM   461 C C4    . DC  B 1 11 ? -2.713  -12.486 -9.638  1.00 11.81 ? 23 DC  B C4    1 
ATOM   462 N N4    . DC  B 1 11 ? -3.735  -11.801 -10.113 1.00 9.74  ? 23 DC  B N4    1 
ATOM   463 C C5    . DC  B 1 11 ? -1.564  -12.696 -10.443 1.00 16.17 ? 23 DC  B C5    1 
ATOM   464 C C6    . DC  B 1 11 ? -0.578  -13.421 -9.924  1.00 16.24 ? 23 DC  B C6    1 
ATOM   465 P P     . DG  B 1 12 ? 2.732   -18.453 -9.029  1.00 28.45 ? 24 DG  B P     1 
ATOM   466 O OP1   . DG  B 1 12 ? 3.960   -19.179 -8.625  1.00 34.30 ? 24 DG  B OP1   1 
ATOM   467 O OP2   . DG  B 1 12 ? 2.418   -18.299 -10.469 1.00 27.50 ? 24 DG  B OP2   1 
ATOM   468 O "O5'" . DG  B 1 12 ? 1.414   -19.077 -8.377  1.00 29.01 ? 24 DG  B "O5'" 1 
ATOM   469 C "C5'" . DG  B 1 12 ? 1.288   -19.204 -6.957  1.00 27.28 ? 24 DG  B "C5'" 1 
ATOM   470 C "C4'" . DG  B 1 12 ? -0.135  -19.555 -6.579  1.00 24.44 ? 24 DG  B "C4'" 1 
ATOM   471 O "O4'" . DG  B 1 12 ? -0.986  -18.395 -6.747  1.00 23.92 ? 24 DG  B "O4'" 1 
ATOM   472 C "C3'" . DG  B 1 12 ? -0.741  -20.678 -7.423  1.00 23.53 ? 24 DG  B "C3'" 1 
ATOM   473 O "O3'" . DG  B 1 12 ? -0.842  -21.921 -6.731  1.00 25.84 ? 24 DG  B "O3'" 1 
ATOM   474 C "C2'" . DG  B 1 12 ? -2.061  -20.136 -7.932  1.00 24.56 ? 24 DG  B "C2'" 1 
ATOM   475 C "C1'" . DG  B 1 12 ? -2.246  -18.759 -7.300  1.00 21.69 ? 24 DG  B "C1'" 1 
ATOM   476 N N9    . DG  B 1 12 ? -2.568  -17.810 -8.380  1.00 21.49 ? 24 DG  B N9    1 
ATOM   477 C C8    . DG  B 1 12 ? -1.793  -17.558 -9.494  1.00 21.69 ? 24 DG  B C8    1 
ATOM   478 N N7    . DG  B 1 12 ? -2.365  -16.766 -10.355 1.00 22.79 ? 24 DG  B N7    1 
ATOM   479 C C5    . DG  B 1 12 ? -3.585  -16.449 -9.770  1.00 22.71 ? 24 DG  B C5    1 
ATOM   480 C C6    . DG  B 1 12 ? -4.640  -15.636 -10.245 1.00 20.80 ? 24 DG  B C6    1 
ATOM   481 O O6    . DG  B 1 12 ? -4.728  -15.043 -11.318 1.00 20.50 ? 24 DG  B O6    1 
ATOM   482 N N1    . DG  B 1 12 ? -5.683  -15.563 -9.329  1.00 22.01 ? 24 DG  B N1    1 
ATOM   483 C C2    . DG  B 1 12 ? -5.718  -16.216 -8.125  1.00 21.04 ? 24 DG  B C2    1 
ATOM   484 N N2    . DG  B 1 12 ? -6.824  -16.035 -7.396  1.00 21.79 ? 24 DG  B N2    1 
ATOM   485 N N3    . DG  B 1 12 ? -4.744  -16.993 -7.671  1.00 17.87 ? 24 DG  B N3    1 
ATOM   486 C C4    . DG  B 1 12 ? -3.713  -17.062 -8.535  1.00 20.66 ? 24 DG  B C4    1 
HETATM 487 N N1    . TBZ C 2 .  ? 4.690   -8.800  -4.707  1.00 45.27 ? 25 TBZ B N1    1 
HETATM 488 C C1    . TBZ C 2 .  ? 5.080   -8.875  -6.146  1.00 39.32 ? 25 TBZ B C1    1 
HETATM 489 C C2    . TBZ C 2 .  ? 5.617   -7.499  -6.585  1.00 38.03 ? 25 TBZ B C2    1 
HETATM 490 N N2    . TBZ C 2 .  ? 4.407   -6.778  -6.624  1.00 31.03 ? 25 TBZ B N2    1 
HETATM 491 C C3    . TBZ C 2 .  ? 3.939   -7.381  -7.801  1.00 37.29 ? 25 TBZ B C3    1 
HETATM 492 C C4    . TBZ C 2 .  ? 3.865   -8.861  -7.098  1.00 43.22 ? 25 TBZ B C4    1 
HETATM 493 C C5    . TBZ C 2 .  ? 4.323   -5.494  -6.581  1.00 25.96 ? 25 TBZ B C5    1 
HETATM 494 C C6    . TBZ C 2 .  ? 3.307   -4.823  -5.859  1.00 21.63 ? 25 TBZ B C6    1 
HETATM 495 C C7    . TBZ C 2 .  ? 3.231   -3.457  -6.123  1.00 24.83 ? 25 TBZ B C7    1 
HETATM 496 C C8    . TBZ C 2 .  ? 4.172   -2.906  -7.024  1.00 24.68 ? 25 TBZ B C8    1 
HETATM 497 C C9    . TBZ C 2 .  ? 5.162   -3.640  -7.622  1.00 24.80 ? 25 TBZ B C9    1 
HETATM 498 C C10   . TBZ C 2 .  ? 5.260   -4.951  -7.384  1.00 21.50 ? 25 TBZ B C10   1 
HETATM 499 N N3    . TBZ C 2 .  ? 2.440   -2.378  -5.778  1.00 24.09 ? 25 TBZ B N3    1 
HETATM 500 C C11   . TBZ C 2 .  ? 2.909   -1.249  -6.480  1.00 16.58 ? 25 TBZ B C11   1 
HETATM 501 N N4    . TBZ C 2 .  ? 3.914   -1.567  -7.227  1.00 23.31 ? 25 TBZ B N4    1 
HETATM 502 C C12   . TBZ C 2 .  ? 2.494   0.017   -6.498  1.00 12.62 ? 25 TBZ B C12   1 
HETATM 503 C C13   . TBZ C 2 .  ? 1.746   0.504   -5.468  1.00 18.42 ? 25 TBZ B C13   1 
HETATM 504 C C14   . TBZ C 2 .  ? 1.300   1.815   -5.505  1.00 18.50 ? 25 TBZ B C14   1 
HETATM 505 C C15   . TBZ C 2 .  ? 1.568   2.663   -6.545  1.00 20.56 ? 25 TBZ B C15   1 
HETATM 506 C C16   . TBZ C 2 .  ? 2.370   2.132   -7.598  1.00 23.80 ? 25 TBZ B C16   1 
HETATM 507 C C17   . TBZ C 2 .  ? 2.845   0.797   -7.581  1.00 14.65 ? 25 TBZ B C17   1 
HETATM 508 N N5    . TBZ C 2 .  ? 0.590   2.499   -4.641  1.00 24.57 ? 25 TBZ B N5    1 
HETATM 509 C C18   . TBZ C 2 .  ? 0.364   3.751   -5.100  1.00 22.41 ? 25 TBZ B C18   1 
HETATM 510 N N6    . TBZ C 2 .  ? 0.911   3.884   -6.279  1.00 21.43 ? 25 TBZ B N6    1 
HETATM 511 C C19   . TBZ C 2 .  ? -0.338  4.661   -4.366  1.00 19.93 ? 25 TBZ B C19   1 
HETATM 512 C C20   . TBZ C 2 .  ? -0.614  4.519   -2.986  1.00 14.66 ? 25 TBZ B C20   1 
HETATM 513 C C21   . TBZ C 2 .  ? -1.381  5.524   -2.340  1.00 21.04 ? 25 TBZ B C21   1 
HETATM 514 C C22   . TBZ C 2 .  ? -1.860  6.617   -3.093  1.00 21.41 ? 25 TBZ B C22   1 
HETATM 515 C C23   . TBZ C 2 .  ? -1.536  6.716   -4.458  1.00 25.01 ? 25 TBZ B C23   1 
HETATM 516 C C24   . TBZ C 2 .  ? -0.768  5.747   -5.117  1.00 23.55 ? 25 TBZ B C24   1 
HETATM 517 N N7    . TBZ C 2 .  ? -1.837  5.745   -1.079  1.00 23.67 ? 25 TBZ B N7    1 
HETATM 518 C C25   . TBZ C 2 .  ? -2.575  6.940   -1.083  1.00 26.42 ? 25 TBZ B C25   1 
HETATM 519 N N8    . TBZ C 2 .  ? -2.617  7.464   -2.298  1.00 22.93 ? 25 TBZ B N8    1 
HETATM 520 C C26   . TBZ C 2 .  ? -3.168  7.505   0.027   1.00 27.83 ? 25 TBZ B C26   1 
HETATM 521 C C27   . TBZ C 2 .  ? -2.936  6.877   1.236   1.00 32.95 ? 25 TBZ B C27   1 
HETATM 522 C C28   . TBZ C 2 .  ? -3.380  7.491   2.419   1.00 40.81 ? 25 TBZ B C28   1 
HETATM 523 C C29   . TBZ C 2 .  ? -4.062  8.745   2.377   1.00 44.12 ? 25 TBZ B C29   1 
HETATM 524 C C30   . TBZ C 2 .  ? -4.368  9.344   1.112   1.00 36.32 ? 25 TBZ B C30   1 
HETATM 525 C C31   . TBZ C 2 .  ? -3.906  8.705   -0.063  1.00 30.80 ? 25 TBZ B C31   1 
HETATM 526 O O1    . TBZ C 2 .  ? -4.337  9.378   3.605   1.00 48.64 ? 25 TBZ B O1    1 
HETATM 527 C C32   . TBZ C 2 .  ? -3.274  9.708   4.547   1.00 52.68 ? 25 TBZ B C32   1 
HETATM 528 O O     . HOH D 3 .  ? 11.895  -6.130  -1.540  1.00 20.57 ? 28 HOH A O     1 
HETATM 529 O O     . HOH D 3 .  ? -0.173  25.314  3.332   1.00 34.00 ? 29 HOH A O     1 
HETATM 530 O O     . HOH D 3 .  ? 11.147  4.113   -6.123  1.00 50.25 ? 31 HOH A O     1 
HETATM 531 O O     . HOH D 3 .  ? -4.495  14.980  17.190  1.00 26.81 ? 32 HOH A O     1 
HETATM 532 O O     . HOH D 3 .  ? -0.804  -6.024  2.966   1.00 39.55 ? 33 HOH A O     1 
HETATM 533 O O     . HOH D 3 .  ? -5.142  -15.684 5.023   1.00 29.10 ? 34 HOH A O     1 
HETATM 534 O O     . HOH D 3 .  ? -6.728  -22.115 3.698   1.00 24.81 ? 35 HOH A O     1 
HETATM 535 O O     . HOH D 3 .  ? -6.856  9.195   11.819  1.00 33.13 ? 36 HOH A O     1 
HETATM 536 O O     . HOH D 3 .  ? -5.403  12.649  18.093  1.00 47.37 ? 37 HOH A O     1 
HETATM 537 O O     . HOH D 3 .  ? 6.605   7.804   -7.019  1.00 22.83 ? 38 HOH A O     1 
HETATM 538 O O     . HOH D 3 .  ? 8.452   0.089   -0.681  1.00 28.10 ? 39 HOH A O     1 
HETATM 539 O O     . HOH D 3 .  ? -7.358  -6.283  -2.214  1.00 43.85 ? 40 HOH A O     1 
HETATM 540 O O     . HOH D 3 .  ? 8.753   -2.780  0.233   1.00 31.16 ? 41 HOH A O     1 
HETATM 541 O O     . HOH D 3 .  ? -2.789  13.181  -4.860  1.00 35.80 ? 42 HOH A O     1 
HETATM 542 O O     . HOH D 3 .  ? -5.334  8.557   7.693   1.00 29.14 ? 43 HOH A O     1 
HETATM 543 O O     . HOH D 3 .  ? 9.084   2.236   -6.414  1.00 45.19 ? 45 HOH A O     1 
HETATM 544 O O     . HOH D 3 .  ? 12.926  -4.522  0.196   1.00 26.25 ? 47 HOH A O     1 
HETATM 545 O O     . HOH D 3 .  ? -1.375  -14.502 5.852   1.00 58.64 ? 51 HOH A O     1 
HETATM 546 O O     . HOH D 3 .  ? -5.159  -17.571 3.137   1.00 34.47 ? 53 HOH A O     1 
HETATM 547 O O     . HOH D 3 .  ? 9.371   -0.603  -7.753  1.00 40.51 ? 54 HOH A O     1 
HETATM 548 O O     . HOH D 3 .  ? 5.224   1.371   4.244   1.00 43.22 ? 57 HOH A O     1 
HETATM 549 O O     . HOH D 3 .  ? 6.897   6.400   3.330   1.00 41.59 ? 58 HOH A O     1 
HETATM 550 O O     . HOH D 3 .  ? -1.634  17.909  8.905   1.00 45.42 ? 59 HOH A O     1 
HETATM 551 O O     . HOH D 3 .  ? 10.078  -4.481  -1.465  1.00 28.46 ? 60 HOH A O     1 
HETATM 552 O O     . HOH D 3 .  ? -2.427  10.454  -4.904  1.00 52.24 ? 64 HOH A O     1 
HETATM 553 O O     . HOH D 3 .  ? -6.471  13.731  4.161   1.00 38.29 ? 66 HOH A O     1 
HETATM 554 O O     . HOH D 3 .  ? -6.317  13.822  0.215   1.00 50.03 ? 67 HOH A O     1 
HETATM 555 O O     . HOH D 3 .  ? -3.932  19.212  9.997   1.00 43.65 ? 69 HOH A O     1 
HETATM 556 O O     . HOH D 3 .  ? 10.162  12.448  2.395   1.00 37.27 ? 70 HOH A O     1 
HETATM 557 O O     . HOH D 3 .  ? 7.493   12.255  2.544   1.00 58.48 ? 73 HOH A O     1 
HETATM 558 O O     . HOH D 3 .  ? -5.507  21.943  9.952   1.00 46.01 ? 74 HOH A O     1 
HETATM 559 O O     . HOH D 3 .  ? -5.064  -20.088 4.660   1.00 54.13 ? 75 HOH A O     1 
HETATM 560 O O     . HOH D 3 .  ? 4.923   11.370  1.839   1.00 75.45 ? 77 HOH A O     1 
HETATM 561 O O     . HOH D 3 .  ? -0.120  -3.001  3.921   1.00 58.44 ? 79 HOH A O     1 
HETATM 562 O O     . HOH D 3 .  ? -3.789  10.737  17.752  1.00 70.03 ? 83 HOH A O     1 
HETATM 563 O O     . HOH D 3 .  ? 1.120   13.203  -4.366  1.00 65.95 ? 84 HOH A O     1 
HETATM 564 O O     . HOH E 3 .  ? 2.491   -2.506  -14.217 1.00 18.88 ? 26 HOH B O     1 
HETATM 565 O O     . HOH E 3 .  ? -4.918  -0.267  -9.426  1.00 35.64 ? 27 HOH B O     1 
HETATM 566 O O     . HOH E 3 .  ? -7.571  1.043   -2.977  1.00 27.05 ? 30 HOH B O     1 
HETATM 567 O O     . HOH E 3 .  ? 5.843   -10.852 -9.729  1.00 26.49 ? 44 HOH B O     1 
HETATM 568 O O     . HOH E 3 .  ? 4.366   1.531   7.807   1.00 24.46 ? 46 HOH B O     1 
HETATM 569 O O     . HOH E 3 .  ? 9.241   5.006   16.344  1.00 52.93 ? 48 HOH B O     1 
HETATM 570 O O     . HOH E 3 .  ? 6.630   -7.909  -9.851  1.00 30.72 ? 49 HOH B O     1 
HETATM 571 O O     . HOH E 3 .  ? -5.130  4.143   -11.684 1.00 46.82 ? 50 HOH B O     1 
HETATM 572 O O     . HOH E 3 .  ? 6.607   1.050   12.234  1.00 47.98 ? 52 HOH B O     1 
HETATM 573 O O     . HOH E 3 .  ? 8.372   -4.649  -8.282  1.00 52.28 ? 55 HOH B O     1 
HETATM 574 O O     . HOH E 3 .  ? 12.249  11.254  6.622   1.00 34.57 ? 56 HOH B O     1 
HETATM 575 O O     . HOH E 3 .  ? 2.001   6.284   -8.302  1.00 49.77 ? 61 HOH B O     1 
HETATM 576 O O     . HOH E 3 .  ? -6.928  -5.830  -6.013  1.00 39.64 ? 62 HOH B O     1 
HETATM 577 O O     . HOH E 3 .  ? 5.998   -2.067  -10.107 1.00 32.37 ? 63 HOH B O     1 
HETATM 578 O O     . HOH E 3 .  ? -6.963  11.203  1.459   1.00 23.48 ? 65 HOH B O     1 
HETATM 579 O O     . HOH E 3 .  ? -2.199  3.703   -13.113 1.00 52.92 ? 68 HOH B O     1 
HETATM 580 O O     . HOH E 3 .  ? 8.894   9.339   5.016   1.00 63.51 ? 71 HOH B O     1 
HETATM 581 O O     . HOH E 3 .  ? 14.882  7.085   11.119  1.00 60.84 ? 72 HOH B O     1 
HETATM 582 O O     . HOH E 3 .  ? 9.814   16.842  11.081  1.00 41.53 ? 76 HOH B O     1 
HETATM 583 O O     . HOH E 3 .  ? 0.679   -0.528  6.422   1.00 39.62 ? 78 HOH B O     1 
HETATM 584 O O     . HOH E 3 .  ? 11.040  8.617   6.634   1.00 70.76 ? 80 HOH B O     1 
HETATM 585 O O     . HOH E 3 .  ? -3.368  4.358   14.265  1.00 50.38 ? 81 HOH B O     1 
HETATM 586 O O     . HOH E 3 .  ? 6.690   -4.886  -10.791 1.00 49.41 ? 82 HOH B O     1 
HETATM 587 O O     . HOH E 3 .  ? -5.864  2.806   12.872  1.00 55.63 ? 85 HOH B O     1 
HETATM 588 O O     . HOH E 3 .  ? 12.133  16.317  13.213  1.00 48.70 ? 86 HOH B O     1 
# 
